data_8HE7
#
_entry.id   8HE7
#
_cell.length_a   48.428
_cell.length_b   92.007
_cell.length_c   162.805
_cell.angle_alpha   90.000
_cell.angle_beta   90.000
_cell.angle_gamma   90.000
#
_symmetry.space_group_name_H-M   'P 21 21 21'
#
loop_
_entity.id
_entity.type
_entity.pdbx_description
1 polymer 'Poly [ADP-ribose] polymerase 1, processed C-terminus'
2 non-polymer 1-[[4-fluoranyl-3-(3-oxidanylidene-4-pentan-3-yl-piperazin-1-yl)carbonyl-phenyl]methyl]quinazoline-2,4-dione
3 non-polymer 'SULFATE ION'
4 water water
#
_entity_poly.entity_id   1
_entity_poly.type   'polypeptide(L)'
_entity_poly.pdbx_seq_one_letter_code
;KSKLPKPVQDLIKMIFDVESMKKAMVEYEIDLQKMPLGKLSKRQIQAAYSILSEVQQAVSQGSSDSQILDLSNRFYTLIP
HDFGMKKPPLLNNADSVQAKAEMLDNLLDIEVAYSLLRGGSDDSSKDPIDVNYEKLKTDIKVVDRDSEEAEIIRKYVKNT
HATTHNAYDLEVIDIFKIEREGECQRYKPFKQLHNRRLLWHGSRTTNFAGILSQGLRIAPPEAPVTGYMFGKGIYFADMV
SKSANYCHTSQGDPIGLILLGEVALGNMYELKHASHISKLPKGKHSVKGLGKTTPDPSANISLDGVDVPLGTGISSGVND
TSLLYNEYIVYDIAQVNLKYLLKLKFNFKT
;
_entity_poly.pdbx_strand_id   A,B
#
loop_
_chem_comp.id
_chem_comp.type
_chem_comp.name
_chem_comp.formula
1WI non-polymer 1-[[4-fluoranyl-3-(3-oxidanylidene-4-pentan-3-yl-piperazin-1-yl)carbonyl-phenyl]methyl]quinazoline-2,4-dione 'C25 H27 F N4 O4'
SO4 non-polymer 'SULFATE ION' 'O4 S -2'
#
# COMPACT_ATOMS: atom_id res chain seq x y z
N LYS A 1 24.10 27.73 -38.81
CA LYS A 1 24.88 27.34 -37.64
C LYS A 1 24.33 28.05 -36.40
N SER A 2 24.14 27.28 -35.33
CA SER A 2 23.36 27.76 -34.19
C SER A 2 24.08 28.86 -33.44
N LYS A 3 23.30 29.85 -33.01
CA LYS A 3 23.77 30.95 -32.19
C LYS A 3 23.58 30.69 -30.71
N LEU A 4 22.93 29.57 -30.36
CA LEU A 4 22.58 29.30 -28.98
C LEU A 4 23.83 29.16 -28.12
N PRO A 5 23.74 29.49 -26.83
CA PRO A 5 24.88 29.30 -25.94
C PRO A 5 25.36 27.85 -25.96
N LYS A 6 26.68 27.67 -25.91
CA LYS A 6 27.25 26.32 -25.98
C LYS A 6 26.71 25.38 -24.91
N PRO A 7 26.51 25.78 -23.65
CA PRO A 7 25.89 24.85 -22.70
C PRO A 7 24.49 24.41 -23.10
N VAL A 8 23.71 25.29 -23.71
CA VAL A 8 22.38 24.91 -24.17
C VAL A 8 22.48 23.96 -25.36
N GLN A 9 23.43 24.21 -26.26
CA GLN A 9 23.64 23.31 -27.39
C GLN A 9 24.03 21.91 -26.92
N ASP A 10 24.92 21.84 -25.92
CA ASP A 10 25.30 20.55 -25.35
C ASP A 10 24.10 19.84 -24.73
N LEU A 11 23.21 20.61 -24.10
CA LEU A 11 22.02 20.03 -23.50
C LEU A 11 21.10 19.44 -24.57
N ILE A 12 20.85 20.20 -25.64
CA ILE A 12 19.99 19.71 -26.71
C ILE A 12 20.56 18.44 -27.33
N LYS A 13 21.88 18.43 -27.58
CA LYS A 13 22.52 17.24 -28.12
C LYS A 13 22.35 16.04 -27.19
N MET A 14 22.41 16.28 -25.89
CA MET A 14 22.36 15.18 -24.92
C MET A 14 20.98 14.54 -24.89
N ILE A 15 19.92 15.34 -24.82
CA ILE A 15 18.59 14.81 -24.58
C ILE A 15 17.92 14.28 -25.84
N PHE A 16 18.44 14.62 -27.03
CA PHE A 16 17.87 14.14 -28.29
C PHE A 16 18.71 13.04 -28.93
N ASP A 17 19.73 12.54 -28.23
CA ASP A 17 20.63 11.56 -28.81
C ASP A 17 19.92 10.23 -29.01
N VAL A 18 19.87 9.77 -30.27
CA VAL A 18 19.12 8.55 -30.59
C VAL A 18 19.83 7.33 -30.02
N GLU A 19 21.16 7.30 -30.07
CA GLU A 19 21.90 6.15 -29.58
C GLU A 19 21.77 6.00 -28.07
N SER A 20 21.60 7.12 -27.35
CA SER A 20 21.31 7.02 -25.91
C SER A 20 19.96 6.37 -25.68
N MET A 21 18.99 6.63 -26.56
CA MET A 21 17.69 5.99 -26.45
C MET A 21 17.80 4.48 -26.64
N LYS A 22 18.61 4.05 -27.62
CA LYS A 22 18.79 2.61 -27.86
C LYS A 22 19.54 1.97 -26.70
N LYS A 23 20.56 2.65 -26.18
CA LYS A 23 21.30 2.11 -25.04
C LYS A 23 20.40 1.92 -23.84
N ALA A 24 19.47 2.85 -23.61
CA ALA A 24 18.53 2.70 -22.50
C ALA A 24 17.64 1.48 -22.68
N MET A 25 17.17 1.25 -23.91
CA MET A 25 16.33 0.09 -24.16
C MET A 25 17.12 -1.21 -24.04
N VAL A 26 18.37 -1.20 -24.50
CA VAL A 26 19.24 -2.37 -24.34
C VAL A 26 19.54 -2.61 -22.87
N GLU A 27 19.68 -1.53 -22.09
CA GLU A 27 19.87 -1.67 -20.65
C GLU A 27 18.70 -2.41 -20.01
N TYR A 28 17.50 -2.24 -20.54
CA TYR A 28 16.33 -2.98 -20.09
C TYR A 28 16.27 -4.38 -20.69
N GLU A 29 17.25 -4.76 -21.51
CA GLU A 29 17.31 -6.06 -22.18
C GLU A 29 16.16 -6.25 -23.16
N ILE A 30 15.66 -5.15 -23.72
CA ILE A 30 14.70 -5.22 -24.81
C ILE A 30 15.42 -5.64 -26.09
N ASP A 31 14.79 -6.50 -26.87
CA ASP A 31 15.40 -7.01 -28.09
C ASP A 31 15.29 -5.94 -29.17
N LEU A 32 16.41 -5.29 -29.48
CA LEU A 32 16.41 -4.23 -30.48
C LEU A 32 16.17 -4.76 -31.88
N GLN A 33 16.58 -6.00 -32.14
CA GLN A 33 16.40 -6.58 -33.47
C GLN A 33 14.93 -6.83 -33.77
N LYS A 34 14.17 -7.33 -32.77
CA LYS A 34 12.77 -7.64 -32.98
C LYS A 34 11.88 -6.42 -32.81
N MET A 35 12.28 -5.47 -31.96
CA MET A 35 11.49 -4.27 -31.70
C MET A 35 12.43 -3.08 -31.71
N PRO A 36 12.70 -2.51 -32.89
CA PRO A 36 13.60 -1.35 -32.96
C PRO A 36 12.91 -0.10 -32.44
N LEU A 37 13.74 0.92 -32.18
CA LEU A 37 13.25 2.19 -31.64
C LEU A 37 12.16 2.78 -32.52
N GLY A 38 12.26 2.58 -33.84
CA GLY A 38 11.26 3.12 -34.74
C GLY A 38 9.91 2.43 -34.68
N LYS A 39 9.88 1.18 -34.21
CA LYS A 39 8.64 0.45 -34.07
C LYS A 39 7.98 0.63 -32.70
N LEU A 40 8.65 1.31 -31.78
CA LEU A 40 8.08 1.58 -30.47
C LEU A 40 6.91 2.55 -30.61
N SER A 41 5.76 2.20 -30.02
CA SER A 41 4.54 2.95 -30.22
C SER A 41 3.84 3.24 -28.90
N LYS A 42 3.11 4.35 -28.88
CA LYS A 42 2.39 4.76 -27.67
C LYS A 42 1.32 3.76 -27.29
N ARG A 43 0.52 3.31 -28.26
CA ARG A 43 -0.55 2.36 -27.97
C ARG A 43 0.02 1.00 -27.60
N GLN A 44 1.20 0.65 -28.12
CA GLN A 44 1.88 -0.56 -27.67
C GLN A 44 2.29 -0.45 -26.21
N ILE A 45 2.81 0.70 -25.80
CA ILE A 45 3.18 0.90 -24.41
C ILE A 45 1.95 0.89 -23.51
N GLN A 46 0.86 1.50 -23.97
CA GLN A 46 -0.38 1.50 -23.20
C GLN A 46 -0.94 0.09 -23.06
N ALA A 47 -0.80 -0.73 -24.11
CA ALA A 47 -1.24 -2.11 -24.02
C ALA A 47 -0.40 -2.89 -23.01
N ALA A 48 0.90 -2.62 -22.96
CA ALA A 48 1.75 -3.24 -21.95
C ALA A 48 1.38 -2.76 -20.55
N TYR A 49 0.97 -1.51 -20.40
CA TYR A 49 0.46 -1.04 -19.12
C TYR A 49 -0.76 -1.85 -18.69
N SER A 50 -1.65 -2.14 -19.64
CA SER A 50 -2.90 -2.85 -19.31
C SER A 50 -2.63 -4.28 -18.88
N ILE A 51 -1.58 -4.92 -19.41
CA ILE A 51 -1.24 -6.27 -18.98
C ILE A 51 -0.78 -6.24 -17.52
N LEU A 52 0.05 -5.25 -17.16
CA LEU A 52 0.45 -5.09 -15.77
C LEU A 52 -0.76 -4.87 -14.87
N SER A 53 -1.74 -4.10 -15.36
CA SER A 53 -2.97 -3.90 -14.59
C SER A 53 -3.75 -5.20 -14.47
N GLU A 54 -3.78 -5.99 -15.54
CA GLU A 54 -4.40 -7.30 -15.47
C GLU A 54 -3.73 -8.19 -14.43
N VAL A 55 -2.39 -8.15 -14.38
CA VAL A 55 -1.65 -8.91 -13.38
C VAL A 55 -1.99 -8.41 -11.98
N GLN A 56 -2.02 -7.08 -11.81
CA GLN A 56 -2.43 -6.49 -10.54
C GLN A 56 -3.80 -6.98 -10.10
N GLN A 57 -4.75 -6.98 -11.03
CA GLN A 57 -6.11 -7.41 -10.69
C GLN A 57 -6.16 -8.91 -10.42
N ALA A 58 -5.43 -9.71 -11.21
CA ALA A 58 -5.46 -11.15 -11.03
C ALA A 58 -4.86 -11.56 -9.68
N VAL A 59 -3.82 -10.84 -9.23
CA VAL A 59 -3.19 -11.16 -7.95
C VAL A 59 -4.15 -10.89 -6.80
N SER A 60 -4.74 -9.69 -6.79
CA SER A 60 -5.55 -9.25 -5.67
C SER A 60 -6.96 -9.85 -5.69
N GLN A 61 -7.55 -10.03 -6.88
CA GLN A 61 -8.88 -10.60 -6.96
C GLN A 61 -8.88 -12.13 -6.85
N GLY A 62 -7.73 -12.73 -6.57
CA GLY A 62 -7.68 -14.14 -6.28
C GLY A 62 -7.81 -15.07 -7.47
N SER A 63 -7.36 -14.64 -8.63
CA SER A 63 -7.44 -15.48 -9.82
C SER A 63 -6.34 -16.56 -9.79
N SER A 64 -6.32 -17.39 -10.83
CA SER A 64 -5.31 -18.43 -10.92
C SER A 64 -3.93 -17.83 -11.08
N ASP A 65 -2.96 -18.40 -10.36
CA ASP A 65 -1.56 -18.09 -10.65
C ASP A 65 -1.19 -18.53 -12.07
N SER A 66 -1.95 -19.49 -12.64
CA SER A 66 -1.70 -19.91 -14.01
C SER A 66 -1.96 -18.79 -14.99
N GLN A 67 -3.05 -18.03 -14.80
CA GLN A 67 -3.30 -16.89 -15.66
C GLN A 67 -2.18 -15.86 -15.55
N ILE A 68 -1.69 -15.63 -14.33
CA ILE A 68 -0.60 -14.69 -14.12
C ILE A 68 0.63 -15.12 -14.90
N LEU A 69 0.89 -16.44 -14.96
CA LEU A 69 1.98 -16.94 -15.78
C LEU A 69 1.78 -16.58 -17.25
N ASP A 70 0.55 -16.72 -17.74
CA ASP A 70 0.29 -16.44 -19.15
C ASP A 70 0.34 -14.94 -19.43
N LEU A 71 -0.12 -14.13 -18.49
CA LEU A 71 -0.04 -12.67 -18.67
C LEU A 71 1.41 -12.22 -18.70
N SER A 72 2.27 -12.86 -17.91
CA SER A 72 3.70 -12.53 -17.92
C SER A 72 4.32 -12.83 -19.28
N ASN A 73 4.05 -14.02 -19.82
CA ASN A 73 4.56 -14.38 -21.14
C ASN A 73 3.99 -13.48 -22.22
N ARG A 74 2.74 -13.04 -22.05
CA ARG A 74 2.14 -12.12 -23.02
C ARG A 74 2.87 -10.78 -23.01
N PHE A 75 3.31 -10.32 -21.84
CA PHE A 75 4.09 -9.10 -21.75
C PHE A 75 5.38 -9.22 -22.55
N TYR A 76 6.07 -10.35 -22.41
CA TYR A 76 7.34 -10.55 -23.10
C TYR A 76 7.17 -10.83 -24.59
N THR A 77 5.95 -11.10 -25.05
CA THR A 77 5.65 -11.16 -26.46
C THR A 77 5.31 -9.78 -27.02
N LEU A 78 4.54 -9.00 -26.25
CA LEU A 78 4.21 -7.65 -26.67
C LEU A 78 5.45 -6.78 -26.72
N ILE A 79 6.29 -6.85 -25.69
CA ILE A 79 7.57 -6.16 -25.67
C ILE A 79 8.67 -7.21 -25.76
N PRO A 80 9.24 -7.44 -26.94
CA PRO A 80 10.26 -8.50 -27.07
C PRO A 80 11.52 -8.15 -26.29
N HIS A 81 11.92 -9.06 -25.43
CA HIS A 81 13.16 -8.97 -24.66
C HIS A 81 14.17 -9.97 -25.18
N ASP A 82 15.40 -9.85 -24.67
CA ASP A 82 16.46 -10.80 -25.01
C ASP A 82 17.36 -10.94 -23.79
N PHE A 83 17.04 -11.92 -22.94
CA PHE A 83 17.83 -12.22 -21.77
C PHE A 83 18.92 -13.26 -22.04
N GLY A 84 19.26 -13.48 -23.31
CA GLY A 84 20.28 -14.44 -23.66
C GLY A 84 19.93 -15.86 -23.24
N MET A 85 20.68 -16.39 -22.27
CA MET A 85 20.42 -17.72 -21.74
C MET A 85 19.63 -17.69 -20.43
N LYS A 86 19.45 -16.51 -19.83
CA LYS A 86 18.79 -16.41 -18.54
C LYS A 86 17.27 -16.46 -18.69
N LYS A 87 16.60 -16.81 -17.60
CA LYS A 87 15.15 -16.82 -17.58
C LYS A 87 14.63 -15.41 -17.37
N PRO A 88 13.75 -14.91 -18.24
CA PRO A 88 13.17 -13.58 -18.02
C PRO A 88 12.45 -13.50 -16.69
N PRO A 89 12.57 -12.38 -15.98
CA PRO A 89 11.91 -12.26 -14.67
C PRO A 89 10.40 -12.47 -14.78
N LEU A 90 9.87 -13.27 -13.86
CA LEU A 90 8.47 -13.64 -13.90
C LEU A 90 7.62 -12.52 -13.32
N LEU A 91 6.51 -12.21 -13.99
CA LEU A 91 5.64 -11.10 -13.60
C LEU A 91 4.49 -11.64 -12.77
N ASN A 92 4.78 -11.92 -11.49
CA ASN A 92 3.79 -12.49 -10.59
C ASN A 92 3.73 -11.83 -9.22
N ASN A 93 4.61 -10.88 -8.92
CA ASN A 93 4.62 -10.20 -7.63
C ASN A 93 4.73 -8.69 -7.85
N ALA A 94 4.38 -7.94 -6.81
CA ALA A 94 4.42 -6.48 -6.90
C ALA A 94 5.81 -5.98 -7.26
N ASP A 95 6.85 -6.67 -6.77
CA ASP A 95 8.22 -6.26 -7.04
C ASP A 95 8.50 -6.25 -8.54
N SER A 96 8.09 -7.32 -9.23
CA SER A 96 8.32 -7.39 -10.68
C SER A 96 7.42 -6.41 -11.43
N VAL A 97 6.19 -6.20 -10.94
CA VAL A 97 5.26 -5.32 -11.63
C VAL A 97 5.74 -3.88 -11.56
N GLN A 98 6.30 -3.47 -10.42
CA GLN A 98 6.77 -2.10 -10.26
C GLN A 98 7.98 -1.83 -11.14
N ALA A 99 8.86 -2.83 -11.30
CA ALA A 99 10.02 -2.67 -12.16
C ALA A 99 9.61 -2.51 -13.61
N LYS A 100 8.60 -3.27 -14.06
CA LYS A 100 8.12 -3.14 -15.42
C LYS A 100 7.36 -1.85 -15.63
N ALA A 101 6.64 -1.38 -14.60
CA ALA A 101 5.95 -0.09 -14.70
C ALA A 101 6.95 1.05 -14.84
N GLU A 102 8.04 1.00 -14.07
CA GLU A 102 9.12 1.98 -14.23
C GLU A 102 9.67 1.95 -15.65
N MET A 103 9.93 0.76 -16.16
CA MET A 103 10.44 0.61 -17.53
C MET A 103 9.48 1.23 -18.54
N LEU A 104 8.18 1.00 -18.38
CA LEU A 104 7.21 1.55 -19.32
C LEU A 104 7.14 3.06 -19.21
N ASP A 105 7.28 3.60 -17.99
CA ASP A 105 7.36 5.05 -17.83
C ASP A 105 8.49 5.63 -18.66
N ASN A 106 9.65 4.96 -18.65
CA ASN A 106 10.78 5.46 -19.41
C ASN A 106 10.54 5.30 -20.91
N LEU A 107 9.98 4.17 -21.33
CA LEU A 107 9.66 3.97 -22.74
C LEU A 107 8.66 5.01 -23.23
N LEU A 108 7.75 5.45 -22.35
CA LEU A 108 6.74 6.42 -22.75
C LEU A 108 7.35 7.74 -23.17
N ASP A 109 8.34 8.23 -22.42
CA ASP A 109 8.98 9.50 -22.74
C ASP A 109 10.03 9.34 -23.83
N ILE A 110 10.62 8.16 -23.96
CA ILE A 110 11.50 7.89 -25.10
C ILE A 110 10.70 7.97 -26.40
N GLU A 111 9.49 7.39 -26.41
CA GLU A 111 8.63 7.47 -27.58
C GLU A 111 8.26 8.92 -27.89
N VAL A 112 7.99 9.71 -26.85
CA VAL A 112 7.68 11.13 -27.05
C VAL A 112 8.87 11.84 -27.70
N ALA A 113 10.09 11.55 -27.24
CA ALA A 113 11.26 12.20 -27.78
C ALA A 113 11.49 11.82 -29.24
N TYR A 114 11.46 10.52 -29.53
CA TYR A 114 11.70 10.06 -30.91
C TYR A 114 10.62 10.56 -31.86
N SER A 115 9.37 10.57 -31.42
CA SER A 115 8.30 11.08 -32.27
C SER A 115 8.45 12.59 -32.48
N LEU A 116 8.86 13.31 -31.43
CA LEU A 116 9.22 14.73 -31.59
C LEU A 116 10.31 14.89 -32.66
N LEU A 117 11.32 14.04 -32.61
CA LEU A 117 12.46 14.16 -33.51
C LEU A 117 12.04 13.94 -34.96
N ARG A 118 11.22 12.93 -35.21
CA ARG A 118 10.86 12.50 -36.56
C ARG A 118 9.66 13.25 -37.11
N GLY A 119 9.08 14.18 -36.35
CA GLY A 119 7.92 14.92 -36.76
C GLY A 119 8.22 16.38 -37.06
N GLY A 120 7.15 17.16 -37.17
CA GLY A 120 7.27 18.58 -37.42
C GLY A 120 7.73 18.89 -38.84
N SER A 121 8.29 20.08 -38.99
CA SER A 121 8.89 20.51 -40.25
C SER A 121 10.40 20.39 -40.18
N ASP A 122 11.02 20.27 -41.36
CA ASP A 122 12.47 20.14 -41.44
C ASP A 122 13.00 21.06 -42.53
N ASP A 123 14.17 21.64 -42.29
CA ASP A 123 14.77 22.61 -43.20
C ASP A 123 16.28 22.40 -43.18
N SER A 124 16.85 22.05 -44.33
CA SER A 124 18.27 21.72 -44.39
C SER A 124 19.16 22.95 -44.18
N SER A 125 18.62 24.16 -44.34
CA SER A 125 19.38 25.37 -44.08
C SER A 125 19.44 25.72 -42.60
N LYS A 126 18.88 24.87 -41.72
CA LYS A 126 18.81 25.14 -40.30
C LYS A 126 19.66 24.15 -39.54
N ASP A 127 20.32 24.62 -38.49
CA ASP A 127 21.08 23.74 -37.61
C ASP A 127 20.11 22.81 -36.89
N PRO A 128 20.34 21.49 -36.92
CA PRO A 128 19.46 20.58 -36.16
C PRO A 128 19.36 20.93 -34.68
N ILE A 129 20.41 21.52 -34.09
CA ILE A 129 20.33 21.98 -32.71
C ILE A 129 19.25 23.07 -32.57
N ASP A 130 19.18 23.97 -33.56
CA ASP A 130 18.14 24.99 -33.54
C ASP A 130 16.76 24.39 -33.75
N VAL A 131 16.65 23.41 -34.64
CA VAL A 131 15.36 22.77 -34.90
C VAL A 131 14.88 22.01 -33.66
N ASN A 132 15.78 21.26 -33.04
CA ASN A 132 15.40 20.45 -31.88
C ASN A 132 15.11 21.33 -30.66
N TYR A 133 15.83 22.44 -30.52
CA TYR A 133 15.54 23.37 -29.44
C TYR A 133 14.11 23.90 -29.56
N GLU A 134 13.71 24.30 -30.77
CA GLU A 134 12.38 24.87 -30.97
C GLU A 134 11.29 23.82 -30.80
N LYS A 135 11.62 22.54 -31.01
CA LYS A 135 10.64 21.48 -30.82
C LYS A 135 10.27 21.30 -29.35
N LEU A 136 11.11 21.77 -28.43
CA LEU A 136 10.85 21.58 -27.00
C LEU A 136 9.83 22.57 -26.46
N LYS A 137 9.57 23.67 -27.18
CA LYS A 137 8.64 24.71 -26.74
C LYS A 137 9.00 25.20 -25.33
N THR A 138 10.30 25.32 -25.07
CA THR A 138 10.79 25.67 -23.74
C THR A 138 11.92 26.67 -23.87
N ASP A 139 11.78 27.81 -23.19
CA ASP A 139 12.86 28.78 -23.12
C ASP A 139 13.89 28.30 -22.12
N ILE A 140 15.14 28.18 -22.57
CA ILE A 140 16.24 27.67 -21.74
C ILE A 140 17.34 28.71 -21.72
N LYS A 141 17.68 29.19 -20.52
CA LYS A 141 18.73 30.17 -20.32
C LYS A 141 19.72 29.66 -19.31
N VAL A 142 21.00 29.98 -19.52
CA VAL A 142 22.05 29.60 -18.59
C VAL A 142 22.01 30.54 -17.40
N VAL A 143 21.97 29.97 -16.20
CA VAL A 143 21.99 30.77 -14.98
C VAL A 143 23.43 31.17 -14.68
N ASP A 144 23.64 32.47 -14.41
CA ASP A 144 24.98 32.97 -14.16
C ASP A 144 25.58 32.28 -12.94
N ARG A 145 26.82 31.80 -13.09
CA ARG A 145 27.45 31.00 -12.04
C ARG A 145 27.64 31.79 -10.76
N ASP A 146 27.80 33.11 -10.86
CA ASP A 146 28.04 33.96 -9.70
C ASP A 146 26.77 34.61 -9.16
N SER A 147 25.62 34.33 -9.77
CA SER A 147 24.36 34.91 -9.32
C SER A 147 23.97 34.32 -7.97
N GLU A 148 22.99 34.97 -7.33
CA GLU A 148 22.48 34.45 -6.06
C GLU A 148 21.57 33.25 -6.25
N GLU A 149 20.96 33.13 -7.44
CA GLU A 149 20.24 31.91 -7.78
C GLU A 149 21.17 30.70 -7.68
N ALA A 150 22.29 30.76 -8.40
CA ALA A 150 23.23 29.65 -8.40
C ALA A 150 23.79 29.39 -7.00
N GLU A 151 24.01 30.45 -6.22
CA GLU A 151 24.48 30.28 -4.85
C GLU A 151 23.52 29.42 -4.04
N ILE A 152 22.24 29.79 -4.04
CA ILE A 152 21.23 29.06 -3.28
C ILE A 152 21.12 27.62 -3.80
N ILE A 153 21.17 27.45 -5.11
CA ILE A 153 21.02 26.11 -5.70
C ILE A 153 22.21 25.23 -5.34
N ARG A 154 23.42 25.79 -5.43
CA ARG A 154 24.61 25.03 -5.05
C ARG A 154 24.57 24.68 -3.56
N LYS A 155 24.10 25.60 -2.73
CA LYS A 155 23.94 25.30 -1.31
C LYS A 155 22.94 24.18 -1.10
N TYR A 156 21.84 24.19 -1.86
CA TYR A 156 20.85 23.13 -1.80
C TYR A 156 21.50 21.78 -2.12
N VAL A 157 22.31 21.73 -3.18
CA VAL A 157 23.02 20.51 -3.54
C VAL A 157 24.01 20.13 -2.45
N LYS A 158 24.71 21.12 -1.90
CA LYS A 158 25.79 20.85 -0.97
C LYS A 158 25.28 20.24 0.34
N ASN A 159 24.12 20.69 0.81
CA ASN A 159 23.67 20.36 2.15
C ASN A 159 22.74 19.14 2.22
N THR A 160 22.16 18.72 1.10
CA THR A 160 21.15 17.67 1.11
C THR A 160 21.60 16.40 0.40
N HIS A 161 22.91 16.15 0.38
CA HIS A 161 23.44 14.87 -0.12
C HIS A 161 23.51 13.91 1.05
N ALA A 162 22.66 12.88 1.03
CA ALA A 162 22.56 11.99 2.18
C ALA A 162 23.83 11.17 2.34
N THR A 163 24.21 10.93 3.60
CA THR A 163 25.39 10.10 3.88
C THR A 163 25.20 8.68 3.36
N THR A 164 23.96 8.18 3.39
CA THR A 164 23.70 6.83 2.91
C THR A 164 24.02 6.70 1.42
N HIS A 165 23.83 7.76 0.65
CA HIS A 165 24.12 7.76 -0.78
C HIS A 165 25.59 8.09 -1.03
N ASN A 166 26.46 7.25 -0.46
CA ASN A 166 27.90 7.47 -0.44
C ASN A 166 28.61 6.96 -1.67
N ALA A 167 27.88 6.44 -2.66
CA ALA A 167 28.54 5.83 -3.81
C ALA A 167 29.19 6.86 -4.72
N TYR A 168 28.88 8.15 -4.55
CA TYR A 168 29.33 9.15 -5.52
C TYR A 168 29.34 10.53 -4.87
N ASP A 169 30.05 11.44 -5.51
CA ASP A 169 29.97 12.87 -5.23
C ASP A 169 29.28 13.55 -6.40
N LEU A 170 28.58 14.65 -6.12
CA LEU A 170 27.90 15.42 -7.14
C LEU A 170 28.65 16.72 -7.40
N GLU A 171 28.74 17.09 -8.68
CA GLU A 171 29.37 18.34 -9.09
C GLU A 171 28.48 19.02 -10.12
N VAL A 172 28.06 20.25 -9.80
CA VAL A 172 27.18 20.98 -10.71
C VAL A 172 28.01 21.46 -11.90
N ILE A 173 27.57 21.09 -13.10
CA ILE A 173 28.19 21.55 -14.34
C ILE A 173 27.48 22.78 -14.89
N ASP A 174 26.17 22.69 -15.10
CA ASP A 174 25.39 23.79 -15.62
C ASP A 174 24.10 23.92 -14.83
N ILE A 175 23.65 25.16 -14.65
CA ILE A 175 22.34 25.45 -14.09
C ILE A 175 21.55 26.20 -15.17
N PHE A 176 20.42 25.63 -15.57
CA PHE A 176 19.56 26.20 -16.60
C PHE A 176 18.28 26.73 -15.98
N LYS A 177 17.85 27.89 -16.42
CA LYS A 177 16.53 28.42 -16.12
C LYS A 177 15.60 28.06 -17.27
N ILE A 178 14.54 27.32 -16.98
CA ILE A 178 13.65 26.80 -18.00
C ILE A 178 12.24 27.34 -17.77
N GLU A 179 11.56 27.67 -18.87
CA GLU A 179 10.15 28.05 -18.84
C GLU A 179 9.44 27.27 -19.95
N ARG A 180 8.71 26.23 -19.56
CA ARG A 180 7.89 25.52 -20.52
C ARG A 180 6.73 26.40 -20.97
N GLU A 181 6.46 26.38 -22.27
CA GLU A 181 5.36 27.17 -22.82
C GLU A 181 4.03 26.72 -22.22
N GLY A 182 3.28 27.69 -21.70
CA GLY A 182 1.97 27.43 -21.14
C GLY A 182 1.94 26.95 -19.71
N GLU A 183 3.08 26.54 -19.15
CA GLU A 183 3.08 25.95 -17.82
C GLU A 183 2.81 26.99 -16.73
N CYS A 184 3.25 28.24 -16.94
CA CYS A 184 2.98 29.28 -15.95
C CYS A 184 1.48 29.59 -15.90
N GLN A 185 0.82 29.67 -17.06
CA GLN A 185 -0.62 29.89 -17.06
C GLN A 185 -1.36 28.74 -16.42
N ARG A 186 -0.90 27.50 -16.65
CA ARG A 186 -1.52 26.34 -16.04
C ARG A 186 -1.33 26.31 -14.53
N TYR A 187 -0.21 26.86 -14.05
CA TYR A 187 0.09 26.86 -12.62
C TYR A 187 -0.65 27.96 -11.86
N LYS A 188 -1.23 28.92 -12.57
CA LYS A 188 -1.85 30.08 -11.92
C LYS A 188 -2.89 29.74 -10.85
N PRO A 189 -3.79 28.77 -11.02
CA PRO A 189 -4.76 28.48 -9.94
C PRO A 189 -4.11 28.01 -8.64
N PHE A 190 -2.85 27.57 -8.68
CA PHE A 190 -2.15 27.09 -7.50
C PHE A 190 -1.07 28.05 -7.01
N LYS A 191 -0.94 29.22 -7.65
CA LYS A 191 0.15 30.12 -7.33
C LYS A 191 0.05 30.65 -5.90
N GLN A 192 -1.15 30.78 -5.36
CA GLN A 192 -1.36 31.32 -4.03
C GLN A 192 -1.72 30.25 -2.99
N LEU A 193 -1.61 28.97 -3.35
CA LEU A 193 -1.76 27.91 -2.36
C LEU A 193 -0.61 27.96 -1.38
N HIS A 194 -0.89 27.65 -0.12
CA HIS A 194 0.15 27.65 0.88
C HIS A 194 1.07 26.44 0.69
N ASN A 195 2.20 26.46 1.41
CA ASN A 195 3.14 25.36 1.43
C ASN A 195 3.70 25.06 0.04
N ARG A 196 4.21 26.10 -0.61
CA ARG A 196 4.92 25.94 -1.88
C ARG A 196 6.40 25.72 -1.60
N ARG A 197 6.98 24.69 -2.22
CA ARG A 197 8.31 24.24 -1.91
C ARG A 197 9.08 23.95 -3.19
N LEU A 198 10.36 24.32 -3.21
CA LEU A 198 11.24 24.04 -4.34
C LEU A 198 11.87 22.67 -4.11
N LEU A 199 11.50 21.70 -4.95
CA LEU A 199 11.84 20.30 -4.71
C LEU A 199 12.55 19.71 -5.92
N TRP A 200 13.27 18.62 -5.67
CA TRP A 200 14.06 17.95 -6.69
C TRP A 200 13.23 16.91 -7.43
N HIS A 201 13.53 16.75 -8.72
CA HIS A 201 13.02 15.61 -9.48
C HIS A 201 14.11 15.16 -10.44
N GLY A 202 14.68 13.99 -10.19
CA GLY A 202 15.67 13.40 -11.07
C GLY A 202 15.02 12.38 -12.00
N SER A 203 15.63 12.19 -13.16
CA SER A 203 15.12 11.25 -14.15
C SER A 203 16.24 10.92 -15.13
N ARG A 204 16.07 9.81 -15.84
CA ARG A 204 17.02 9.43 -16.87
C ARG A 204 17.10 10.51 -17.94
N THR A 205 18.30 10.71 -18.49
CA THR A 205 18.51 11.73 -19.51
C THR A 205 17.60 11.52 -20.71
N THR A 206 17.31 10.25 -21.05
CA THR A 206 16.44 9.94 -22.18
C THR A 206 14.99 10.30 -21.95
N ASN A 207 14.62 10.81 -20.76
CA ASN A 207 13.26 11.24 -20.48
C ASN A 207 13.05 12.73 -20.66
N PHE A 208 14.12 13.51 -20.81
CA PHE A 208 14.03 14.94 -20.62
C PHE A 208 13.57 15.69 -21.86
N ALA A 209 13.75 15.12 -23.05
CA ALA A 209 13.11 15.71 -24.22
C ALA A 209 11.60 15.66 -24.07
N GLY A 210 11.07 14.57 -23.50
CA GLY A 210 9.64 14.49 -23.26
C GLY A 210 9.21 15.33 -22.07
N ILE A 211 10.06 15.41 -21.04
CA ILE A 211 9.70 16.19 -19.86
C ILE A 211 9.66 17.68 -20.19
N LEU A 212 10.63 18.17 -20.96
CA LEU A 212 10.58 19.58 -21.35
C LEU A 212 9.47 19.84 -22.36
N SER A 213 9.18 18.86 -23.23
CA SER A 213 8.11 19.02 -24.20
C SER A 213 6.75 18.98 -23.53
N GLN A 214 6.50 17.96 -22.71
CA GLN A 214 5.18 17.69 -22.17
C GLN A 214 5.03 17.98 -20.68
N GLY A 215 6.12 18.31 -19.99
CA GLY A 215 6.07 18.46 -18.55
C GLY A 215 6.09 17.12 -17.83
N LEU A 216 6.21 17.19 -16.52
CA LEU A 216 5.99 16.00 -15.69
C LEU A 216 4.52 15.63 -15.75
N ARG A 217 4.25 14.34 -15.93
CA ARG A 217 2.89 13.88 -16.17
C ARG A 217 2.56 12.72 -15.25
N ILE A 218 1.28 12.47 -15.08
CA ILE A 218 0.81 11.30 -14.36
C ILE A 218 0.71 10.15 -15.33
N ALA A 219 1.08 8.94 -14.87
CA ALA A 219 1.04 7.73 -15.67
C ALA A 219 -0.33 7.57 -16.32
N PRO A 220 -0.41 7.02 -17.53
CA PRO A 220 -1.69 6.95 -18.25
C PRO A 220 -2.70 6.13 -17.48
N PRO A 221 -4.00 6.23 -17.82
CA PRO A 221 -5.01 5.45 -17.08
C PRO A 221 -4.77 3.96 -17.10
N GLU A 222 -4.10 3.44 -18.14
CA GLU A 222 -3.86 2.01 -18.21
C GLU A 222 -2.81 1.55 -17.21
N ALA A 223 -2.02 2.46 -16.66
CA ALA A 223 -0.95 2.07 -15.75
C ALA A 223 -1.51 1.55 -14.43
N PRO A 224 -0.88 0.56 -13.83
CA PRO A 224 -1.38 0.03 -12.55
C PRO A 224 -1.06 1.00 -11.42
N VAL A 225 -2.07 1.31 -10.61
CA VAL A 225 -1.87 2.22 -9.48
C VAL A 225 -0.95 1.58 -8.44
N THR A 226 -0.99 0.26 -8.32
CA THR A 226 -0.12 -0.45 -7.39
C THR A 226 1.32 -0.55 -7.90
N GLY A 227 1.57 -0.14 -9.14
CA GLY A 227 2.93 -0.12 -9.64
C GLY A 227 3.81 0.96 -9.04
N TYR A 228 3.23 1.87 -8.27
CA TYR A 228 3.96 2.98 -7.67
C TYR A 228 3.59 3.08 -6.19
N MET A 229 4.59 3.42 -5.38
CA MET A 229 4.45 3.29 -3.93
C MET A 229 3.30 4.14 -3.39
N PHE A 230 3.13 5.35 -3.93
CA PHE A 230 2.06 6.25 -3.50
C PHE A 230 1.09 6.53 -4.63
N GLY A 231 0.92 5.58 -5.54
CA GLY A 231 -0.02 5.72 -6.62
C GLY A 231 0.52 6.55 -7.76
N LYS A 232 -0.41 6.98 -8.62
CA LYS A 232 -0.08 7.64 -9.88
C LYS A 232 -0.15 9.15 -9.69
N GLY A 233 0.99 9.75 -9.41
CA GLY A 233 1.13 11.20 -9.34
C GLY A 233 2.52 11.63 -9.79
N ILE A 234 2.96 12.81 -9.36
CA ILE A 234 4.28 13.32 -9.70
C ILE A 234 5.09 13.42 -8.42
N TYR A 235 6.26 12.78 -8.41
CA TYR A 235 7.04 12.57 -7.20
C TYR A 235 8.20 13.55 -7.14
N PHE A 236 8.47 14.06 -5.94
CA PHE A 236 9.60 14.94 -5.69
C PHE A 236 10.27 14.55 -4.38
N ALA A 237 11.49 15.06 -4.19
CA ALA A 237 12.25 14.83 -2.98
C ALA A 237 12.92 16.14 -2.56
N ASP A 238 13.26 16.22 -1.27
CA ASP A 238 13.98 17.37 -0.74
C ASP A 238 15.46 17.08 -0.48
N MET A 239 15.90 15.84 -0.70
CA MET A 239 17.31 15.48 -0.67
C MET A 239 17.78 15.31 -2.11
N VAL A 240 18.81 16.06 -2.49
CA VAL A 240 19.27 16.04 -3.89
C VAL A 240 19.76 14.66 -4.27
N SER A 241 20.34 13.92 -3.33
CA SER A 241 20.87 12.59 -3.63
C SER A 241 19.77 11.55 -3.81
N LYS A 242 18.62 11.74 -3.16
CA LYS A 242 17.50 10.83 -3.39
C LYS A 242 17.01 10.94 -4.83
N SER A 243 16.76 12.17 -5.30
CA SER A 243 16.36 12.36 -6.69
C SER A 243 17.49 12.04 -7.66
N ALA A 244 18.74 12.25 -7.24
CA ALA A 244 19.87 11.96 -8.11
C ALA A 244 19.98 10.47 -8.39
N ASN A 245 19.54 9.62 -7.46
CA ASN A 245 19.57 8.18 -7.69
C ASN A 245 18.63 7.79 -8.82
N TYR A 246 17.56 8.54 -9.03
CA TYR A 246 16.64 8.26 -10.12
C TYR A 246 17.15 8.71 -11.48
N CYS A 247 18.30 9.40 -11.53
CA CYS A 247 18.95 9.65 -12.80
C CYS A 247 19.50 8.37 -13.41
N HIS A 248 19.78 7.37 -12.56
CA HIS A 248 20.32 6.08 -13.00
C HIS A 248 21.61 6.27 -13.80
N THR A 249 22.44 7.20 -13.37
CA THR A 249 23.75 7.36 -13.95
C THR A 249 24.65 6.21 -13.52
N SER A 250 25.74 6.02 -14.27
CA SER A 250 26.71 4.99 -13.98
C SER A 250 28.11 5.54 -14.29
N GLN A 251 29.13 4.71 -14.07
CA GLN A 251 30.48 5.11 -14.39
C GLN A 251 30.67 5.26 -15.90
N GLY A 252 29.84 4.60 -16.68
CA GLY A 252 29.87 4.72 -18.13
C GLY A 252 29.22 6.00 -18.63
N ASP A 253 28.13 6.41 -17.98
CA ASP A 253 27.43 7.65 -18.28
C ASP A 253 27.23 8.41 -16.98
N PRO A 254 28.24 9.13 -16.51
CA PRO A 254 28.17 9.79 -15.19
C PRO A 254 27.54 11.17 -15.19
N ILE A 255 26.94 11.62 -16.29
CA ILE A 255 26.27 12.92 -16.36
C ILE A 255 24.79 12.71 -16.14
N GLY A 256 24.23 13.42 -15.16
CA GLY A 256 22.81 13.34 -14.91
C GLY A 256 22.11 14.66 -15.10
N LEU A 257 20.79 14.62 -15.22
CA LEU A 257 19.96 15.82 -15.27
C LEU A 257 18.92 15.76 -14.17
N ILE A 258 18.77 16.86 -13.45
CA ILE A 258 17.85 16.92 -12.32
C ILE A 258 17.08 18.24 -12.37
N LEU A 259 15.80 18.19 -12.04
CA LEU A 259 14.94 19.35 -12.10
C LEU A 259 14.74 19.95 -10.70
N LEU A 260 14.59 21.27 -10.68
CA LEU A 260 14.05 21.99 -9.52
C LEU A 260 12.70 22.55 -9.92
N GLY A 261 11.66 22.13 -9.22
CA GLY A 261 10.30 22.54 -9.54
C GLY A 261 9.63 23.16 -8.34
N GLU A 262 8.87 24.23 -8.60
CA GLU A 262 8.00 24.80 -7.59
C GLU A 262 6.73 23.96 -7.52
N VAL A 263 6.49 23.34 -6.37
CA VAL A 263 5.40 22.40 -6.18
C VAL A 263 4.45 22.97 -5.13
N ALA A 264 3.19 23.12 -5.49
CA ALA A 264 2.17 23.61 -4.56
C ALA A 264 1.66 22.41 -3.77
N LEU A 265 2.12 22.28 -2.53
CA LEU A 265 1.83 21.11 -1.72
C LEU A 265 0.56 21.24 -0.90
N GLY A 266 0.23 22.45 -0.45
CA GLY A 266 -1.01 22.66 0.29
C GLY A 266 -1.04 21.86 1.58
N ASN A 267 -2.19 21.23 1.84
CA ASN A 267 -2.32 20.33 2.98
C ASN A 267 -1.73 18.97 2.60
N MET A 268 -0.73 18.53 3.35
CA MET A 268 -0.05 17.28 3.07
C MET A 268 -0.68 16.15 3.88
N TYR A 269 -1.10 15.10 3.18
CA TYR A 269 -1.50 13.86 3.83
C TYR A 269 -0.24 13.06 4.12
N GLU A 270 0.18 13.03 5.39
CA GLU A 270 1.46 12.47 5.77
C GLU A 270 1.36 10.96 5.96
N LEU A 271 2.20 10.22 5.26
CA LEU A 271 2.14 8.77 5.22
C LEU A 271 3.52 8.19 5.49
N LYS A 272 3.53 7.02 6.14
CA LYS A 272 4.77 6.32 6.44
C LYS A 272 4.97 5.06 5.61
N HIS A 273 3.96 4.61 4.88
CA HIS A 273 4.04 3.36 4.13
C HIS A 273 3.21 3.49 2.86
N ALA A 274 3.34 2.49 1.99
CA ALA A 274 2.74 2.55 0.67
C ALA A 274 1.23 2.76 0.75
N SER A 275 0.71 3.53 -0.21
CA SER A 275 -0.73 3.81 -0.29
C SER A 275 -1.05 4.09 -1.75
N HIS A 276 -1.60 3.09 -2.44
CA HIS A 276 -1.76 3.14 -3.89
C HIS A 276 -3.06 3.86 -4.23
N ILE A 277 -2.96 5.17 -4.41
CA ILE A 277 -4.10 6.04 -4.66
C ILE A 277 -3.86 6.83 -5.94
N SER A 278 -4.97 7.24 -6.57
CA SER A 278 -4.91 8.12 -7.74
C SER A 278 -5.47 9.50 -7.47
N LYS A 279 -6.15 9.70 -6.34
CA LYS A 279 -6.70 10.99 -5.97
C LYS A 279 -6.62 11.12 -4.45
N LEU A 280 -6.83 12.34 -3.97
CA LEU A 280 -6.72 12.62 -2.55
C LEU A 280 -8.07 13.01 -1.97
N PRO A 281 -8.30 12.77 -0.69
CA PRO A 281 -9.54 13.25 -0.05
C PRO A 281 -9.60 14.77 -0.09
N LYS A 282 -10.83 15.28 -0.16
CA LYS A 282 -11.06 16.71 -0.22
C LYS A 282 -10.42 17.41 0.97
N GLY A 283 -9.71 18.49 0.71
CA GLY A 283 -8.94 19.17 1.73
C GLY A 283 -7.50 18.73 1.85
N LYS A 284 -7.07 17.74 1.07
CA LYS A 284 -5.68 17.34 0.97
C LYS A 284 -5.21 17.62 -0.46
N HIS A 285 -4.00 18.18 -0.58
CA HIS A 285 -3.46 18.58 -1.87
C HIS A 285 -2.17 17.88 -2.25
N SER A 286 -1.57 17.10 -1.34
CA SER A 286 -0.37 16.34 -1.64
C SER A 286 -0.21 15.24 -0.60
N VAL A 287 0.64 14.27 -0.95
CA VAL A 287 1.12 13.27 -0.01
C VAL A 287 2.56 13.61 0.35
N LYS A 288 2.88 13.52 1.63
CA LYS A 288 4.27 13.60 2.08
C LYS A 288 4.66 12.25 2.66
N GLY A 289 5.56 11.56 1.99
CA GLY A 289 6.15 10.37 2.55
C GLY A 289 7.14 10.75 3.63
N LEU A 290 6.94 10.24 4.84
CA LEU A 290 7.74 10.65 5.98
C LEU A 290 9.01 9.82 6.07
N GLY A 291 10.16 10.46 5.91
CA GLY A 291 11.43 9.77 6.03
C GLY A 291 12.03 9.90 7.42
N LYS A 292 12.98 9.01 7.71
CA LYS A 292 13.68 9.07 9.00
C LYS A 292 14.60 10.27 9.10
N THR A 293 15.05 10.82 7.98
CA THR A 293 15.92 11.99 7.94
C THR A 293 15.27 13.08 7.12
N THR A 294 15.35 14.31 7.61
CA THR A 294 14.77 15.47 6.96
C THR A 294 15.75 16.62 7.01
N PRO A 295 15.72 17.51 6.01
CA PRO A 295 16.50 18.74 6.12
C PRO A 295 16.08 19.55 7.34
N ASP A 296 17.07 20.09 8.04
CA ASP A 296 16.80 20.85 9.26
C ASP A 296 15.88 22.02 8.94
N PRO A 297 14.67 22.07 9.51
CA PRO A 297 13.70 23.10 9.09
C PRO A 297 14.10 24.51 9.46
N SER A 298 14.95 24.70 10.48
CA SER A 298 15.36 26.04 10.87
C SER A 298 16.26 26.70 9.83
N ALA A 299 16.66 25.99 8.78
CA ALA A 299 17.56 26.50 7.76
C ALA A 299 16.85 26.74 6.43
N ASN A 300 15.52 26.82 6.45
CA ASN A 300 14.78 27.06 5.20
C ASN A 300 14.99 28.48 4.71
N ILE A 301 15.21 28.62 3.40
CA ILE A 301 15.43 29.89 2.74
C ILE A 301 14.29 30.11 1.73
N SER A 302 13.98 31.38 1.48
CA SER A 302 13.01 31.75 0.46
C SER A 302 13.72 32.12 -0.83
N LEU A 303 13.23 31.60 -1.96
CA LEU A 303 13.73 31.94 -3.28
C LEU A 303 12.52 32.26 -4.16
N ASP A 304 12.36 33.53 -4.51
CA ASP A 304 11.20 34.00 -5.28
C ASP A 304 9.89 33.62 -4.59
N GLY A 305 9.88 33.73 -3.27
CA GLY A 305 8.67 33.43 -2.51
C GLY A 305 8.36 31.97 -2.37
N VAL A 306 9.35 31.09 -2.52
CA VAL A 306 9.16 29.64 -2.41
C VAL A 306 10.15 29.10 -1.39
N ASP A 307 9.67 28.24 -0.50
CA ASP A 307 10.55 27.63 0.49
C ASP A 307 11.57 26.73 -0.18
N VAL A 308 12.82 26.84 0.25
CA VAL A 308 13.90 25.96 -0.19
C VAL A 308 14.44 25.21 1.02
N PRO A 309 14.09 23.92 1.18
CA PRO A 309 14.55 23.16 2.35
C PRO A 309 15.98 22.66 2.19
N LEU A 310 16.93 23.58 2.27
CA LEU A 310 18.35 23.27 2.08
C LEU A 310 19.08 23.03 3.38
N GLY A 311 18.36 22.74 4.47
CA GLY A 311 19.02 22.41 5.71
C GLY A 311 19.73 21.07 5.64
N THR A 312 20.75 20.92 6.49
CA THR A 312 21.46 19.65 6.55
C THR A 312 20.58 18.57 7.17
N GLY A 313 20.94 17.32 6.89
CA GLY A 313 20.10 16.20 7.30
C GLY A 313 20.14 16.00 8.80
N ILE A 314 18.95 15.91 9.41
CA ILE A 314 18.81 15.57 10.83
C ILE A 314 17.70 14.54 10.97
N SER A 315 17.67 13.90 12.14
CA SER A 315 16.62 12.94 12.43
C SER A 315 15.27 13.62 12.46
N SER A 316 14.31 13.04 11.75
CA SER A 316 12.94 13.53 11.80
C SER A 316 12.20 13.08 13.06
N GLY A 317 12.74 12.10 13.78
CA GLY A 317 12.05 11.53 14.93
C GLY A 317 10.85 10.68 14.58
N VAL A 318 10.62 10.44 13.29
CA VAL A 318 9.45 9.67 12.85
C VAL A 318 9.69 8.20 13.14
N ASN A 319 8.70 7.56 13.79
CA ASN A 319 8.85 6.22 14.35
C ASN A 319 9.02 5.15 13.28
N ASP A 320 7.96 4.40 13.00
CA ASP A 320 8.02 3.28 12.05
C ASP A 320 7.70 3.80 10.66
N THR A 321 8.72 3.89 9.82
CA THR A 321 8.54 4.33 8.43
C THR A 321 9.41 3.47 7.53
N SER A 322 8.88 3.16 6.35
CA SER A 322 9.63 2.42 5.34
C SER A 322 10.50 3.34 4.48
N LEU A 323 10.49 4.64 4.76
CA LEU A 323 11.21 5.63 3.96
C LEU A 323 12.42 6.14 4.74
N LEU A 324 13.59 6.10 4.11
CA LEU A 324 14.76 6.73 4.70
C LEU A 324 14.64 8.24 4.63
N TYR A 325 14.08 8.77 3.55
CA TYR A 325 14.01 10.21 3.32
C TYR A 325 12.62 10.58 2.80
N ASN A 326 12.33 11.87 2.83
CA ASN A 326 10.99 12.35 2.52
C ASN A 326 10.66 12.17 1.03
N GLU A 327 9.37 12.08 0.75
CA GLU A 327 8.83 12.10 -0.60
C GLU A 327 7.64 13.04 -0.63
N TYR A 328 7.44 13.68 -1.78
CA TYR A 328 6.30 14.57 -1.99
C TYR A 328 5.66 14.21 -3.31
N ILE A 329 4.34 13.98 -3.29
CA ILE A 329 3.59 13.54 -4.45
C ILE A 329 2.37 14.45 -4.61
N VAL A 330 2.19 14.97 -5.81
CA VAL A 330 0.98 15.69 -6.19
C VAL A 330 0.26 14.87 -7.23
N TYR A 331 -1.06 15.04 -7.30
CA TYR A 331 -1.91 14.22 -8.16
C TYR A 331 -2.63 15.07 -9.20
N ASP A 332 -2.13 16.28 -9.44
CA ASP A 332 -2.64 17.18 -10.46
C ASP A 332 -1.42 17.86 -11.09
N ILE A 333 -1.29 17.73 -12.41
CA ILE A 333 -0.09 18.25 -13.07
C ILE A 333 -0.02 19.77 -13.02
N ALA A 334 -1.14 20.45 -12.75
CA ALA A 334 -1.12 21.91 -12.68
C ALA A 334 -0.50 22.43 -11.39
N GLN A 335 -0.19 21.54 -10.44
CA GLN A 335 0.46 21.92 -9.19
C GLN A 335 1.97 21.99 -9.30
N VAL A 336 2.52 21.85 -10.50
CA VAL A 336 3.96 21.82 -10.72
C VAL A 336 4.34 22.93 -11.68
N ASN A 337 5.39 23.67 -11.34
CA ASN A 337 5.94 24.73 -12.18
C ASN A 337 7.45 24.55 -12.21
N LEU A 338 7.96 23.95 -13.28
CA LEU A 338 9.39 23.69 -13.38
C LEU A 338 10.16 25.00 -13.51
N LYS A 339 11.21 25.15 -12.69
CA LYS A 339 11.97 26.38 -12.62
C LYS A 339 13.39 26.23 -13.15
N TYR A 340 14.10 25.18 -12.75
CA TYR A 340 15.51 25.02 -13.10
C TYR A 340 15.78 23.61 -13.57
N LEU A 341 16.84 23.46 -14.37
CA LEU A 341 17.34 22.17 -14.82
C LEU A 341 18.85 22.15 -14.61
N LEU A 342 19.32 21.21 -13.81
CA LEU A 342 20.73 21.10 -13.47
C LEU A 342 21.40 19.97 -14.23
N LYS A 343 22.63 20.21 -14.65
CA LYS A 343 23.48 19.20 -15.26
C LYS A 343 24.58 18.85 -14.26
N LEU A 344 24.57 17.61 -13.76
CA LEU A 344 25.45 17.19 -12.69
C LEU A 344 26.42 16.13 -13.18
N LYS A 345 27.64 16.18 -12.66
CA LYS A 345 28.62 15.12 -12.85
C LYS A 345 28.65 14.23 -11.62
N PHE A 346 28.46 12.94 -11.81
CA PHE A 346 28.53 11.95 -10.73
C PHE A 346 29.96 11.43 -10.67
N ASN A 347 30.67 11.75 -9.58
CA ASN A 347 32.03 11.27 -9.35
C ASN A 347 31.96 10.07 -8.41
N PHE A 348 32.01 8.87 -8.98
CA PHE A 348 31.80 7.66 -8.22
C PHE A 348 33.05 7.31 -7.42
N LYS A 349 32.85 7.02 -6.14
CA LYS A 349 33.95 6.70 -5.24
C LYS A 349 34.44 5.27 -5.46
N THR A 350 35.75 5.11 -5.54
CA THR A 350 36.35 3.79 -5.76
C THR A 350 37.52 3.54 -4.82
N LYS B 1 -24.10 -28.62 38.32
CA LYS B 1 -24.43 -28.58 36.89
C LYS B 1 -24.91 -27.19 36.48
N SER B 2 -24.43 -26.73 35.33
CA SER B 2 -24.75 -25.39 34.87
C SER B 2 -26.22 -25.30 34.46
N LYS B 3 -26.83 -24.15 34.74
CA LYS B 3 -28.18 -23.86 34.30
C LYS B 3 -28.20 -23.09 32.99
N LEU B 4 -27.04 -22.80 32.42
CA LEU B 4 -26.98 -22.13 31.12
C LEU B 4 -27.71 -22.97 30.07
N PRO B 5 -28.36 -22.33 29.09
CA PRO B 5 -28.92 -23.09 27.97
C PRO B 5 -27.83 -23.90 27.29
N LYS B 6 -28.21 -25.08 26.80
CA LYS B 6 -27.24 -25.98 26.18
C LYS B 6 -26.48 -25.34 25.02
N PRO B 7 -27.10 -24.55 24.12
CA PRO B 7 -26.29 -23.89 23.09
C PRO B 7 -25.22 -22.97 23.65
N VAL B 8 -25.50 -22.28 24.76
CA VAL B 8 -24.48 -21.44 25.39
C VAL B 8 -23.37 -22.31 25.96
N GLN B 9 -23.72 -23.44 26.57
CA GLN B 9 -22.72 -24.34 27.12
C GLN B 9 -21.79 -24.86 26.03
N ASP B 10 -22.36 -25.26 24.89
CA ASP B 10 -21.53 -25.74 23.78
C ASP B 10 -20.63 -24.64 23.23
N LEU B 11 -21.08 -23.39 23.30
CA LEU B 11 -20.24 -22.28 22.86
C LEU B 11 -19.05 -22.10 23.79
N ILE B 12 -19.28 -22.21 25.11
CA ILE B 12 -18.19 -22.06 26.07
C ILE B 12 -17.18 -23.19 25.93
N LYS B 13 -17.67 -24.42 25.77
CA LYS B 13 -16.78 -25.55 25.54
C LYS B 13 -15.93 -25.34 24.29
N MET B 14 -16.58 -24.94 23.19
CA MET B 14 -15.88 -24.72 21.94
C MET B 14 -14.91 -23.54 22.05
N ILE B 15 -15.27 -22.51 22.82
CA ILE B 15 -14.46 -21.31 22.90
C ILE B 15 -13.16 -21.59 23.65
N PHE B 16 -13.21 -22.39 24.72
CA PHE B 16 -12.08 -22.55 25.63
C PHE B 16 -11.34 -23.88 25.43
N ASP B 17 -11.55 -24.56 24.30
CA ASP B 17 -10.87 -25.83 24.06
C ASP B 17 -9.38 -25.59 23.82
N VAL B 18 -8.54 -26.12 24.71
CA VAL B 18 -7.11 -25.89 24.59
C VAL B 18 -6.52 -26.73 23.45
N GLU B 19 -7.14 -27.87 23.12
CA GLU B 19 -6.65 -28.67 22.01
C GLU B 19 -6.84 -27.96 20.69
N SER B 20 -7.95 -27.23 20.54
CA SER B 20 -8.15 -26.41 19.35
C SER B 20 -7.12 -25.28 19.29
N MET B 21 -6.76 -24.72 20.45
CA MET B 21 -5.73 -23.70 20.49
C MET B 21 -4.40 -24.23 19.99
N LYS B 22 -4.06 -25.47 20.39
CA LYS B 22 -2.82 -26.08 19.93
C LYS B 22 -2.87 -26.38 18.44
N LYS B 23 -4.03 -26.79 17.94
CA LYS B 23 -4.17 -27.10 16.52
C LYS B 23 -3.97 -25.86 15.65
N ALA B 24 -4.53 -24.73 16.08
CA ALA B 24 -4.34 -23.48 15.35
C ALA B 24 -2.87 -23.10 15.31
N MET B 25 -2.15 -23.31 16.42
CA MET B 25 -0.72 -23.00 16.46
C MET B 25 0.06 -23.87 15.49
N VAL B 26 -0.28 -25.16 15.42
CA VAL B 26 0.36 -26.06 14.45
C VAL B 26 0.04 -25.63 13.02
N GLU B 27 -1.23 -25.26 12.78
CA GLU B 27 -1.63 -24.80 11.46
C GLU B 27 -0.79 -23.62 10.99
N TYR B 28 -0.31 -22.80 11.92
CA TYR B 28 0.57 -21.69 11.61
C TYR B 28 2.05 -22.07 11.69
N GLU B 29 2.34 -23.38 11.69
CA GLU B 29 3.70 -23.92 11.64
C GLU B 29 4.52 -23.61 12.89
N ILE B 30 3.85 -23.41 14.03
CA ILE B 30 4.56 -23.21 15.29
C ILE B 30 5.09 -24.54 15.80
N ASP B 31 6.23 -24.49 16.49
CA ASP B 31 6.79 -25.67 17.15
C ASP B 31 6.25 -25.69 18.58
N LEU B 32 5.26 -26.54 18.83
CA LEU B 32 4.68 -26.62 20.17
C LEU B 32 5.68 -27.16 21.19
N GLN B 33 6.63 -27.99 20.75
CA GLN B 33 7.64 -28.50 21.68
C GLN B 33 8.53 -27.38 22.20
N LYS B 34 8.85 -26.40 21.35
CA LYS B 34 9.72 -25.31 21.74
C LYS B 34 8.93 -24.09 22.22
N MET B 35 7.70 -23.92 21.75
CA MET B 35 6.83 -22.81 22.15
C MET B 35 5.46 -23.36 22.50
N PRO B 36 5.32 -23.99 23.66
CA PRO B 36 4.01 -24.56 24.04
C PRO B 36 3.02 -23.47 24.39
N LEU B 37 1.74 -23.87 24.39
CA LEU B 37 0.64 -22.96 24.71
C LEU B 37 0.89 -22.21 26.01
N GLY B 38 1.33 -22.92 27.05
CA GLY B 38 1.51 -22.33 28.37
C GLY B 38 2.66 -21.35 28.48
N LYS B 39 3.54 -21.30 27.49
CA LYS B 39 4.70 -20.42 27.54
C LYS B 39 4.56 -19.21 26.62
N LEU B 40 3.38 -19.01 26.03
CA LEU B 40 3.13 -17.80 25.27
C LEU B 40 2.99 -16.61 26.21
N SER B 41 3.49 -15.45 25.78
CA SER B 41 3.34 -14.23 26.54
C SER B 41 3.27 -13.05 25.58
N LYS B 42 2.65 -11.97 26.06
CA LYS B 42 2.51 -10.77 25.22
C LYS B 42 3.87 -10.19 24.86
N ARG B 43 4.82 -10.23 25.79
CA ARG B 43 6.15 -9.70 25.52
C ARG B 43 6.81 -10.40 24.35
N GLN B 44 6.69 -11.72 24.29
CA GLN B 44 7.29 -12.48 23.19
C GLN B 44 6.59 -12.20 21.87
N ILE B 45 5.26 -12.16 21.88
CA ILE B 45 4.51 -11.85 20.66
C ILE B 45 4.83 -10.43 20.18
N GLN B 46 4.92 -9.48 21.12
CA GLN B 46 5.24 -8.10 20.75
C GLN B 46 6.63 -7.99 20.16
N ALA B 47 7.61 -8.69 20.75
CA ALA B 47 8.97 -8.66 20.22
C ALA B 47 9.03 -9.27 18.83
N ALA B 48 8.19 -10.27 18.56
CA ALA B 48 8.15 -10.86 17.22
C ALA B 48 7.52 -9.90 16.23
N TYR B 49 6.41 -9.25 16.61
CA TYR B 49 5.85 -8.17 15.82
C TYR B 49 6.93 -7.17 15.43
N SER B 50 7.76 -6.78 16.40
CA SER B 50 8.76 -5.75 16.16
C SER B 50 9.80 -6.19 15.13
N ILE B 51 10.22 -7.46 15.20
CA ILE B 51 11.17 -7.98 14.22
C ILE B 51 10.52 -8.07 12.85
N LEU B 52 9.22 -8.38 12.81
CA LEU B 52 8.50 -8.35 11.53
C LEU B 52 8.52 -6.94 10.93
N SER B 53 8.41 -5.92 11.78
CA SER B 53 8.51 -4.55 11.28
C SER B 53 9.90 -4.26 10.72
N GLU B 54 10.93 -4.90 11.27
CA GLU B 54 12.26 -4.81 10.66
C GLU B 54 12.27 -5.49 9.29
N VAL B 55 11.68 -6.67 9.20
CA VAL B 55 11.59 -7.38 7.92
C VAL B 55 10.79 -6.56 6.92
N GLN B 56 9.70 -5.94 7.40
CA GLN B 56 8.87 -5.11 6.52
C GLN B 56 9.69 -3.97 5.92
N GLN B 57 10.49 -3.29 6.75
CA GLN B 57 11.27 -2.16 6.26
C GLN B 57 12.36 -2.61 5.30
N ALA B 58 12.95 -3.78 5.56
CA ALA B 58 13.99 -4.29 4.66
C ALA B 58 13.39 -4.70 3.32
N VAL B 59 12.18 -5.25 3.32
CA VAL B 59 11.52 -5.64 2.08
C VAL B 59 11.17 -4.40 1.26
N SER B 60 10.59 -3.38 1.91
CA SER B 60 10.27 -2.14 1.22
C SER B 60 11.53 -1.40 0.77
N GLN B 61 12.66 -1.62 1.43
CA GLN B 61 13.90 -0.97 1.05
C GLN B 61 14.57 -1.64 -0.15
N GLY B 62 14.11 -2.82 -0.55
CA GLY B 62 14.75 -3.54 -1.63
C GLY B 62 16.02 -4.25 -1.24
N SER B 63 16.12 -4.71 0.01
CA SER B 63 17.29 -5.45 0.44
C SER B 63 17.37 -6.79 -0.29
N SER B 64 18.56 -7.40 -0.24
CA SER B 64 18.80 -8.67 -0.90
C SER B 64 18.60 -9.83 0.06
N ASP B 65 18.59 -11.04 -0.51
CA ASP B 65 18.47 -12.24 0.32
C ASP B 65 19.59 -12.35 1.33
N SER B 66 20.76 -11.79 1.02
CA SER B 66 21.87 -11.80 1.97
C SER B 66 21.57 -10.92 3.18
N GLN B 67 21.05 -9.72 2.94
CA GLN B 67 20.72 -8.81 4.04
C GLN B 67 19.45 -9.24 4.77
N ILE B 68 18.49 -9.82 4.03
CA ILE B 68 17.23 -10.24 4.63
C ILE B 68 17.43 -11.44 5.54
N LEU B 69 18.42 -12.28 5.23
CA LEU B 69 18.61 -13.55 5.94
C LEU B 69 18.73 -13.34 7.44
N ASP B 70 19.51 -12.35 7.86
CA ASP B 70 19.69 -12.09 9.29
C ASP B 70 18.36 -11.76 9.96
N LEU B 71 17.53 -10.96 9.29
CA LEU B 71 16.25 -10.56 9.88
C LEU B 71 15.28 -11.74 9.95
N SER B 72 15.31 -12.62 8.95
CA SER B 72 14.43 -13.79 8.97
C SER B 72 14.75 -14.69 10.16
N ASN B 73 16.03 -15.04 10.31
CA ASN B 73 16.43 -15.87 11.44
C ASN B 73 16.10 -15.20 12.76
N ARG B 74 16.19 -13.87 12.80
CA ARG B 74 15.82 -13.12 13.99
C ARG B 74 14.36 -13.38 14.37
N PHE B 75 13.47 -13.44 13.38
CA PHE B 75 12.07 -13.73 13.65
C PHE B 75 11.88 -15.15 14.15
N TYR B 76 12.48 -16.12 13.45
CA TYR B 76 12.36 -17.52 13.84
C TYR B 76 12.98 -17.79 15.20
N THR B 77 13.94 -16.98 15.62
CA THR B 77 14.48 -17.11 16.97
C THR B 77 13.40 -16.80 18.00
N LEU B 78 12.56 -15.80 17.73
CA LEU B 78 11.57 -15.36 18.70
C LEU B 78 10.35 -16.27 18.71
N ILE B 79 9.90 -16.71 17.53
CA ILE B 79 8.79 -17.63 17.40
C ILE B 79 9.30 -18.92 16.77
N PRO B 80 9.49 -19.97 17.57
CA PRO B 80 10.04 -21.22 17.03
C PRO B 80 9.06 -21.89 16.08
N HIS B 81 9.54 -22.24 14.90
CA HIS B 81 8.74 -22.91 13.88
C HIS B 81 9.17 -24.36 13.74
N ASP B 82 8.27 -25.15 13.17
CA ASP B 82 8.46 -26.61 13.08
C ASP B 82 9.23 -26.91 11.78
N PHE B 83 10.56 -26.95 11.90
CA PHE B 83 11.40 -27.24 10.74
C PHE B 83 12.55 -28.18 11.07
N GLY B 84 12.58 -28.77 12.27
CA GLY B 84 13.56 -29.81 12.55
C GLY B 84 14.98 -29.28 12.57
N MET B 85 15.88 -30.03 11.94
CA MET B 85 17.31 -29.72 11.91
C MET B 85 17.73 -29.07 10.59
N LYS B 86 16.80 -28.46 9.87
CA LYS B 86 17.09 -27.84 8.58
C LYS B 86 16.78 -26.35 8.63
N LYS B 87 17.19 -25.62 7.59
CA LYS B 87 17.09 -24.17 7.58
C LYS B 87 15.66 -23.75 7.18
N PRO B 88 15.13 -22.72 7.81
CA PRO B 88 13.74 -22.32 7.56
C PRO B 88 13.61 -21.53 6.27
N PRO B 89 12.39 -21.26 5.81
CA PRO B 89 12.22 -20.41 4.62
C PRO B 89 12.54 -18.96 4.93
N LEU B 90 12.83 -18.22 3.86
CA LEU B 90 13.22 -16.83 3.96
C LEU B 90 12.00 -15.91 3.91
N LEU B 91 11.97 -14.92 4.80
CA LEU B 91 10.91 -13.90 4.83
C LEU B 91 11.41 -12.70 4.04
N ASN B 92 11.12 -12.68 2.74
CA ASN B 92 11.73 -11.69 1.84
C ASN B 92 10.72 -11.01 0.92
N ASN B 93 9.43 -11.02 1.26
CA ASN B 93 8.46 -10.28 0.47
C ASN B 93 7.26 -9.92 1.35
N ALA B 94 6.37 -9.11 0.80
CA ALA B 94 5.21 -8.65 1.55
C ALA B 94 4.28 -9.79 1.90
N ASP B 95 4.29 -10.87 1.11
CA ASP B 95 3.42 -12.01 1.42
C ASP B 95 3.85 -12.68 2.72
N SER B 96 5.15 -12.78 2.97
CA SER B 96 5.62 -13.38 4.21
C SER B 96 5.28 -12.50 5.41
N VAL B 97 5.36 -11.17 5.24
CA VAL B 97 5.04 -10.26 6.32
C VAL B 97 3.59 -10.38 6.73
N GLN B 98 2.69 -10.49 5.74
CA GLN B 98 1.26 -10.55 6.04
C GLN B 98 0.86 -11.89 6.61
N ALA B 99 1.51 -12.98 6.14
CA ALA B 99 1.24 -14.29 6.71
C ALA B 99 1.70 -14.38 8.16
N LYS B 100 2.90 -13.85 8.45
CA LYS B 100 3.41 -13.91 9.81
C LYS B 100 2.68 -12.93 10.73
N ALA B 101 2.18 -11.83 10.18
CA ALA B 101 1.38 -10.90 10.99
C ALA B 101 0.05 -11.52 11.38
N GLU B 102 -0.61 -12.21 10.43
CA GLU B 102 -1.84 -12.92 10.76
C GLU B 102 -1.61 -13.96 11.85
N MET B 103 -0.48 -14.66 11.77
CA MET B 103 -0.13 -15.66 12.77
C MET B 103 0.02 -15.04 14.16
N LEU B 104 0.68 -13.88 14.24
CA LEU B 104 0.86 -13.21 15.53
C LEU B 104 -0.47 -12.67 16.05
N ASP B 105 -1.36 -12.23 15.16
CA ASP B 105 -2.70 -11.83 15.57
C ASP B 105 -3.39 -12.96 16.32
N ASN B 106 -3.30 -14.18 15.79
CA ASN B 106 -3.97 -15.31 16.41
C ASN B 106 -3.31 -15.69 17.72
N LEU B 107 -1.97 -15.70 17.78
CA LEU B 107 -1.29 -15.98 19.03
C LEU B 107 -1.66 -14.97 20.11
N LEU B 108 -1.94 -13.74 19.71
CA LEU B 108 -2.27 -12.70 20.69
C LEU B 108 -3.58 -13.00 21.40
N ASP B 109 -4.61 -13.38 20.63
CA ASP B 109 -5.90 -13.71 21.23
C ASP B 109 -5.90 -15.09 21.87
N ILE B 110 -5.06 -16.01 21.37
CA ILE B 110 -4.93 -17.31 22.01
C ILE B 110 -4.31 -17.15 23.40
N GLU B 111 -3.30 -16.28 23.52
CA GLU B 111 -2.67 -16.05 24.81
C GLU B 111 -3.68 -15.50 25.82
N VAL B 112 -4.59 -14.64 25.36
CA VAL B 112 -5.64 -14.11 26.24
C VAL B 112 -6.52 -15.24 26.75
N ALA B 113 -6.92 -16.15 25.86
CA ALA B 113 -7.82 -17.24 26.25
C ALA B 113 -7.16 -18.15 27.28
N TYR B 114 -5.90 -18.53 27.05
CA TYR B 114 -5.20 -19.38 27.99
C TYR B 114 -4.95 -18.66 29.30
N SER B 115 -4.69 -17.35 29.24
CA SER B 115 -4.47 -16.58 30.46
C SER B 115 -5.74 -16.56 31.32
N LEU B 116 -6.91 -16.56 30.69
CA LEU B 116 -8.16 -16.65 31.45
C LEU B 116 -8.28 -18.01 32.13
N LEU B 117 -7.94 -19.07 31.41
CA LEU B 117 -8.09 -20.42 31.95
C LEU B 117 -7.15 -20.65 33.13
N ARG B 118 -6.01 -19.96 33.17
CA ARG B 118 -5.00 -20.21 34.19
C ARG B 118 -5.01 -19.20 35.33
N GLY B 119 -5.62 -18.03 35.14
CA GLY B 119 -5.51 -16.95 36.10
C GLY B 119 -6.66 -16.80 37.08
N GLY B 120 -7.52 -17.79 37.22
CA GLY B 120 -8.65 -17.66 38.11
C GLY B 120 -8.61 -18.54 39.33
N SER B 121 -9.78 -18.88 39.88
CA SER B 121 -9.88 -19.75 41.03
C SER B 121 -10.30 -21.15 40.61
N ASP B 122 -10.11 -22.11 41.52
CA ASP B 122 -10.38 -23.52 41.25
C ASP B 122 -11.36 -24.02 42.29
N ASP B 123 -12.58 -24.34 41.86
CA ASP B 123 -13.65 -24.75 42.77
C ASP B 123 -14.36 -25.94 42.12
N SER B 124 -14.07 -27.14 42.64
CA SER B 124 -14.63 -28.36 42.05
C SER B 124 -16.12 -28.51 42.28
N SER B 125 -16.75 -27.65 43.08
CA SER B 125 -18.19 -27.66 43.27
C SER B 125 -18.93 -26.85 42.23
N LYS B 126 -18.22 -26.13 41.36
CA LYS B 126 -18.81 -25.32 40.31
C LYS B 126 -18.57 -25.96 38.95
N ASP B 127 -19.56 -25.86 38.08
CA ASP B 127 -19.44 -26.37 36.72
C ASP B 127 -18.39 -25.54 35.99
N PRO B 128 -17.34 -26.15 35.43
CA PRO B 128 -16.34 -25.36 34.69
C PRO B 128 -16.92 -24.56 33.55
N ILE B 129 -18.09 -24.94 33.03
CA ILE B 129 -18.74 -24.14 32.00
C ILE B 129 -19.25 -22.83 32.58
N ASP B 130 -19.82 -22.87 33.79
CA ASP B 130 -20.19 -21.64 34.47
C ASP B 130 -18.98 -20.79 34.79
N VAL B 131 -17.89 -21.42 35.22
CA VAL B 131 -16.69 -20.68 35.61
C VAL B 131 -16.11 -19.95 34.42
N ASN B 132 -16.00 -20.63 33.27
CA ASN B 132 -15.38 -20.04 32.09
C ASN B 132 -16.32 -19.02 31.43
N TYR B 133 -17.63 -19.27 31.49
CA TYR B 133 -18.59 -18.28 31.00
C TYR B 133 -18.38 -16.93 31.67
N GLU B 134 -18.25 -16.94 33.00
CA GLU B 134 -18.16 -15.71 33.77
C GLU B 134 -16.83 -14.99 33.57
N LYS B 135 -15.81 -15.68 33.07
CA LYS B 135 -14.56 -15.01 32.69
C LYS B 135 -14.69 -14.18 31.43
N LEU B 136 -15.74 -14.37 30.64
CA LEU B 136 -15.92 -13.63 29.40
C LEU B 136 -16.44 -12.22 29.63
N LYS B 137 -17.06 -11.95 30.78
CA LYS B 137 -17.68 -10.66 31.08
C LYS B 137 -18.64 -10.25 29.97
N THR B 138 -19.38 -11.24 29.46
CA THR B 138 -20.30 -11.04 28.35
C THR B 138 -21.61 -11.75 28.65
N ASP B 139 -22.72 -11.02 28.55
CA ASP B 139 -24.04 -11.63 28.65
C ASP B 139 -24.39 -12.25 27.31
N ILE B 140 -24.67 -13.55 27.31
CA ILE B 140 -24.96 -14.29 26.08
C ILE B 140 -26.34 -14.91 26.23
N LYS B 141 -27.29 -14.42 25.45
CA LYS B 141 -28.63 -14.98 25.39
C LYS B 141 -28.83 -15.72 24.07
N VAL B 142 -29.67 -16.74 24.11
CA VAL B 142 -30.08 -17.44 22.89
C VAL B 142 -31.24 -16.67 22.26
N VAL B 143 -31.12 -16.39 20.96
CA VAL B 143 -32.18 -15.70 20.23
C VAL B 143 -33.23 -16.70 19.80
N ASP B 144 -34.49 -16.35 20.01
CA ASP B 144 -35.59 -17.23 19.62
C ASP B 144 -35.60 -17.40 18.11
N ARG B 145 -35.73 -18.65 17.65
CA ARG B 145 -35.83 -18.93 16.23
C ARG B 145 -36.97 -18.16 15.58
N ASP B 146 -38.07 -17.96 16.32
CA ASP B 146 -39.28 -17.36 15.78
C ASP B 146 -39.34 -15.85 15.95
N SER B 147 -38.25 -15.22 16.36
CA SER B 147 -38.26 -13.78 16.56
C SER B 147 -38.04 -13.05 15.24
N GLU B 148 -38.37 -11.76 15.24
CA GLU B 148 -38.04 -10.92 14.09
C GLU B 148 -36.54 -10.76 13.94
N GLU B 149 -35.82 -10.71 15.07
CA GLU B 149 -34.36 -10.68 15.06
C GLU B 149 -33.79 -11.82 14.22
N ALA B 150 -34.16 -13.06 14.54
CA ALA B 150 -33.61 -14.21 13.85
C ALA B 150 -34.01 -14.23 12.38
N GLU B 151 -35.22 -13.75 12.07
CA GLU B 151 -35.65 -13.71 10.68
C GLU B 151 -34.79 -12.77 9.85
N ILE B 152 -34.50 -11.59 10.39
CA ILE B 152 -33.64 -10.63 9.69
C ILE B 152 -32.22 -11.16 9.56
N ILE B 153 -31.69 -11.75 10.65
CA ILE B 153 -30.33 -12.26 10.63
C ILE B 153 -30.22 -13.42 9.64
N ARG B 154 -31.23 -14.29 9.60
CA ARG B 154 -31.18 -15.42 8.67
C ARG B 154 -31.29 -14.96 7.22
N LYS B 155 -32.04 -13.88 6.96
CA LYS B 155 -32.08 -13.32 5.61
C LYS B 155 -30.74 -12.71 5.24
N TYR B 156 -30.07 -12.06 6.21
CA TYR B 156 -28.74 -11.52 5.99
C TYR B 156 -27.78 -12.63 5.54
N VAL B 157 -27.85 -13.79 6.19
CA VAL B 157 -27.01 -14.92 5.81
C VAL B 157 -27.41 -15.46 4.44
N LYS B 158 -28.72 -15.60 4.22
CA LYS B 158 -29.20 -16.22 2.99
C LYS B 158 -28.92 -15.37 1.76
N ASN B 159 -28.87 -14.04 1.91
CA ASN B 159 -28.81 -13.16 0.75
C ASN B 159 -27.41 -12.72 0.36
N THR B 160 -26.44 -12.81 1.27
CA THR B 160 -25.11 -12.23 1.05
C THR B 160 -24.02 -13.28 0.95
N HIS B 161 -24.34 -14.49 0.49
CA HIS B 161 -23.34 -15.50 0.21
C HIS B 161 -22.91 -15.35 -1.24
N ALA B 162 -21.65 -14.97 -1.45
CA ALA B 162 -21.18 -14.63 -2.79
C ALA B 162 -21.04 -15.87 -3.65
N THR B 163 -21.20 -15.67 -4.96
CA THR B 163 -21.08 -16.78 -5.91
C THR B 163 -19.66 -17.31 -5.96
N THR B 164 -18.66 -16.43 -5.85
CA THR B 164 -17.28 -16.86 -5.89
C THR B 164 -16.85 -17.64 -4.65
N HIS B 165 -17.68 -17.67 -3.62
CA HIS B 165 -17.46 -18.52 -2.45
C HIS B 165 -18.32 -19.78 -2.55
N ASN B 166 -18.33 -20.36 -3.76
CA ASN B 166 -19.20 -21.48 -4.11
C ASN B 166 -18.81 -22.80 -3.44
N ALA B 167 -17.66 -22.86 -2.78
CA ALA B 167 -17.16 -24.14 -2.28
C ALA B 167 -18.01 -24.70 -1.15
N TYR B 168 -18.73 -23.84 -0.42
CA TYR B 168 -19.52 -24.26 0.73
C TYR B 168 -20.81 -23.46 0.77
N ASP B 169 -21.75 -23.94 1.59
CA ASP B 169 -22.90 -23.15 2.00
C ASP B 169 -22.99 -23.18 3.52
N LEU B 170 -23.75 -22.25 4.07
CA LEU B 170 -23.77 -22.00 5.51
C LEU B 170 -25.11 -22.40 6.10
N GLU B 171 -25.08 -23.03 7.27
CA GLU B 171 -26.27 -23.41 8.01
C GLU B 171 -26.19 -22.80 9.40
N VAL B 172 -27.13 -21.90 9.70
CA VAL B 172 -27.17 -21.27 11.02
C VAL B 172 -27.63 -22.28 12.04
N ILE B 173 -26.79 -22.55 13.03
CA ILE B 173 -27.12 -23.49 14.09
C ILE B 173 -27.72 -22.77 15.30
N ASP B 174 -27.05 -21.73 15.76
CA ASP B 174 -27.51 -20.93 16.89
C ASP B 174 -27.26 -19.47 16.61
N ILE B 175 -28.16 -18.61 17.07
CA ILE B 175 -27.97 -17.16 17.05
C ILE B 175 -27.97 -16.68 18.49
N PHE B 176 -26.86 -16.08 18.91
CA PHE B 176 -26.71 -15.55 20.26
C PHE B 176 -26.75 -14.03 20.22
N LYS B 177 -27.40 -13.44 21.22
CA LYS B 177 -27.36 -12.01 21.47
C LYS B 177 -26.36 -11.73 22.58
N ILE B 178 -25.34 -10.92 22.29
CA ILE B 178 -24.22 -10.76 23.20
C ILE B 178 -24.11 -9.31 23.65
N GLU B 179 -23.60 -9.12 24.87
CA GLU B 179 -23.40 -7.79 25.46
C GLU B 179 -22.08 -7.83 26.22
N ARG B 180 -21.02 -7.28 25.62
CA ARG B 180 -19.76 -7.14 26.33
C ARG B 180 -19.89 -6.07 27.41
N GLU B 181 -19.40 -6.38 28.60
CA GLU B 181 -19.46 -5.42 29.70
C GLU B 181 -18.67 -4.17 29.35
N GLY B 182 -19.33 -3.02 29.48
CA GLY B 182 -18.70 -1.74 29.24
C GLY B 182 -18.72 -1.27 27.80
N GLU B 183 -18.96 -2.17 26.84
CA GLU B 183 -18.91 -1.80 25.43
C GLU B 183 -20.00 -0.78 25.09
N CYS B 184 -21.19 -0.94 25.68
CA CYS B 184 -22.27 0.01 25.43
C CYS B 184 -21.88 1.41 25.88
N GLN B 185 -21.25 1.52 27.05
CA GLN B 185 -20.78 2.82 27.53
C GLN B 185 -19.73 3.40 26.59
N ARG B 186 -18.74 2.59 26.22
CA ARG B 186 -17.65 3.05 25.36
C ARG B 186 -18.16 3.49 24.00
N TYR B 187 -19.28 2.91 23.54
CA TYR B 187 -19.83 3.21 22.22
C TYR B 187 -20.66 4.48 22.19
N LYS B 188 -21.00 5.03 23.36
CA LYS B 188 -21.98 6.11 23.47
C LYS B 188 -21.70 7.33 22.59
N PRO B 189 -20.47 7.83 22.45
CA PRO B 189 -20.26 8.98 21.54
C PRO B 189 -20.64 8.70 20.10
N PHE B 190 -20.69 7.43 19.69
CA PHE B 190 -20.96 7.06 18.31
C PHE B 190 -22.35 6.45 18.12
N LYS B 191 -23.15 6.35 19.18
CA LYS B 191 -24.41 5.62 19.12
C LYS B 191 -25.43 6.30 18.22
N GLN B 192 -25.26 7.59 17.91
CA GLN B 192 -26.18 8.31 17.05
C GLN B 192 -25.51 8.86 15.79
N LEU B 193 -24.27 8.44 15.51
CA LEU B 193 -23.58 8.88 14.31
C LEU B 193 -24.32 8.39 13.06
N HIS B 194 -24.17 9.14 11.97
CA HIS B 194 -24.72 8.71 10.71
C HIS B 194 -23.91 7.55 10.14
N ASN B 195 -24.54 6.79 9.25
CA ASN B 195 -23.91 5.66 8.57
C ASN B 195 -23.46 4.59 9.57
N ARG B 196 -24.43 4.11 10.36
CA ARG B 196 -24.23 2.96 11.24
C ARG B 196 -24.81 1.72 10.60
N ARG B 197 -24.03 0.64 10.56
CA ARG B 197 -24.40 -0.55 9.80
C ARG B 197 -24.10 -1.80 10.60
N LEU B 198 -24.93 -2.83 10.42
CA LEU B 198 -24.70 -4.14 11.04
C LEU B 198 -23.85 -4.96 10.07
N LEU B 199 -22.62 -5.27 10.47
CA LEU B 199 -21.64 -5.87 9.58
C LEU B 199 -21.08 -7.14 10.20
N TRP B 200 -20.53 -8.00 9.33
CA TRP B 200 -20.00 -9.28 9.72
C TRP B 200 -18.53 -9.16 10.12
N HIS B 201 -18.11 -10.02 11.05
CA HIS B 201 -16.70 -10.23 11.34
C HIS B 201 -16.51 -11.71 11.66
N GLY B 202 -15.80 -12.42 10.79
CA GLY B 202 -15.45 -13.80 11.03
C GLY B 202 -14.02 -13.92 11.56
N SER B 203 -13.79 -14.95 12.36
CA SER B 203 -12.48 -15.20 12.92
C SER B 203 -12.39 -16.66 13.31
N ARG B 204 -11.16 -17.13 13.51
CA ARG B 204 -10.96 -18.48 14.01
C ARG B 204 -11.65 -18.64 15.36
N THR B 205 -12.20 -19.84 15.59
CA THR B 205 -12.86 -20.13 16.85
C THR B 205 -11.93 -19.90 18.04
N THR B 206 -10.64 -20.16 17.86
CA THR B 206 -9.65 -20.00 18.93
C THR B 206 -9.42 -18.54 19.30
N ASN B 207 -10.05 -17.58 18.62
CA ASN B 207 -9.90 -16.18 18.94
C ASN B 207 -11.05 -15.61 19.77
N PHE B 208 -12.15 -16.34 19.92
CA PHE B 208 -13.38 -15.75 20.42
C PHE B 208 -13.41 -15.60 21.94
N ALA B 209 -12.62 -16.40 22.67
CA ALA B 209 -12.46 -16.12 24.09
C ALA B 209 -11.84 -14.75 24.31
N GLY B 210 -10.83 -14.41 23.50
CA GLY B 210 -10.23 -13.09 23.61
C GLY B 210 -11.13 -11.99 23.06
N ILE B 211 -11.88 -12.29 22.00
CA ILE B 211 -12.75 -11.28 21.41
C ILE B 211 -13.89 -10.93 22.37
N LEU B 212 -14.52 -11.93 22.98
CA LEU B 212 -15.58 -11.63 23.92
C LEU B 212 -15.02 -11.02 25.20
N SER B 213 -13.83 -11.47 25.63
CA SER B 213 -13.23 -10.90 26.83
C SER B 213 -12.76 -9.47 26.59
N GLN B 214 -11.98 -9.25 25.52
CA GLN B 214 -11.32 -7.97 25.32
C GLN B 214 -11.93 -7.12 24.21
N GLY B 215 -12.89 -7.66 23.45
CA GLY B 215 -13.40 -6.95 22.30
C GLY B 215 -12.49 -7.08 21.09
N LEU B 216 -13.05 -6.76 19.92
CA LEU B 216 -12.22 -6.61 18.74
C LEU B 216 -11.25 -5.45 18.97
N ARG B 217 -9.98 -5.68 18.67
CA ARG B 217 -8.93 -4.74 19.04
C ARG B 217 -8.14 -4.33 17.81
N ILE B 218 -7.33 -3.28 17.98
CA ILE B 218 -6.33 -2.89 17.00
C ILE B 218 -5.03 -3.57 17.35
N ALA B 219 -4.30 -4.02 16.33
CA ALA B 219 -2.99 -4.65 16.51
C ALA B 219 -2.07 -3.71 17.27
N PRO B 220 -1.15 -4.22 18.08
CA PRO B 220 -0.31 -3.36 18.92
C PRO B 220 0.60 -2.49 18.05
N PRO B 221 1.24 -1.47 18.64
CA PRO B 221 2.15 -0.63 17.85
C PRO B 221 3.29 -1.39 17.21
N GLU B 222 3.74 -2.49 17.83
CA GLU B 222 4.85 -3.23 17.25
C GLU B 222 4.48 -3.89 15.93
N ALA B 223 3.19 -4.10 15.68
CA ALA B 223 2.75 -4.82 14.49
C ALA B 223 3.07 -4.03 13.24
N PRO B 224 3.49 -4.69 12.16
CA PRO B 224 3.76 -3.97 10.91
C PRO B 224 2.48 -3.55 10.23
N VAL B 225 2.40 -2.25 9.88
CA VAL B 225 1.17 -1.73 9.29
C VAL B 225 0.97 -2.29 7.88
N THR B 226 2.07 -2.69 7.21
CA THR B 226 1.95 -3.25 5.87
C THR B 226 1.45 -4.68 5.88
N GLY B 227 1.36 -5.32 7.05
CA GLY B 227 0.75 -6.63 7.13
C GLY B 227 -0.76 -6.62 7.01
N TYR B 228 -1.37 -5.44 6.95
CA TYR B 228 -2.81 -5.29 6.89
C TYR B 228 -3.14 -4.36 5.73
N MET B 229 -4.12 -4.76 4.91
CA MET B 229 -4.35 -4.10 3.62
C MET B 229 -4.62 -2.62 3.79
N PHE B 230 -5.42 -2.24 4.79
CA PHE B 230 -5.77 -0.84 5.02
C PHE B 230 -5.27 -0.35 6.38
N GLY B 231 -4.17 -0.91 6.85
CA GLY B 231 -3.61 -0.49 8.12
C GLY B 231 -4.19 -1.25 9.30
N LYS B 232 -3.77 -0.82 10.48
CA LYS B 232 -4.14 -1.49 11.72
C LYS B 232 -5.48 -0.91 12.20
N GLY B 233 -6.55 -1.62 11.88
CA GLY B 233 -7.88 -1.28 12.36
C GLY B 233 -8.72 -2.52 12.59
N ILE B 234 -10.04 -2.37 12.67
CA ILE B 234 -10.96 -3.48 12.86
C ILE B 234 -11.79 -3.61 11.59
N TYR B 235 -11.75 -4.79 10.99
CA TYR B 235 -12.25 -5.02 9.63
C TYR B 235 -13.61 -5.70 9.67
N PHE B 236 -14.48 -5.31 8.74
CA PHE B 236 -15.82 -5.89 8.63
C PHE B 236 -16.17 -6.08 7.16
N ALA B 237 -17.19 -6.91 6.93
CA ALA B 237 -17.72 -7.14 5.60
C ALA B 237 -19.25 -7.09 5.66
N ASP B 238 -19.86 -6.83 4.50
CA ASP B 238 -21.30 -6.89 4.36
C ASP B 238 -21.77 -8.13 3.60
N MET B 239 -20.84 -8.98 3.18
CA MET B 239 -21.14 -10.29 2.59
C MET B 239 -20.77 -11.36 3.61
N VAL B 240 -21.75 -12.20 3.98
CA VAL B 240 -21.52 -13.16 5.04
C VAL B 240 -20.42 -14.15 4.67
N SER B 241 -20.29 -14.48 3.38
CA SER B 241 -19.30 -15.47 2.97
C SER B 241 -17.88 -14.90 2.98
N LYS B 242 -17.73 -13.59 2.74
CA LYS B 242 -16.40 -12.97 2.85
C LYS B 242 -15.88 -13.08 4.28
N SER B 243 -16.72 -12.81 5.26
CA SER B 243 -16.30 -12.94 6.66
C SER B 243 -16.19 -14.40 7.06
N ALA B 244 -17.09 -15.25 6.56
CA ALA B 244 -17.06 -16.66 6.92
C ALA B 244 -15.78 -17.35 6.46
N ASN B 245 -15.15 -16.84 5.40
CA ASN B 245 -13.89 -17.41 4.94
C ASN B 245 -12.79 -17.26 5.99
N TYR B 246 -12.89 -16.24 6.83
CA TYR B 246 -11.88 -16.00 7.86
C TYR B 246 -12.08 -16.90 9.07
N CYS B 247 -13.14 -17.70 9.12
CA CYS B 247 -13.27 -18.70 10.17
C CYS B 247 -12.25 -19.82 9.99
N HIS B 248 -11.80 -20.04 8.75
CA HIS B 248 -10.83 -21.06 8.42
C HIS B 248 -11.30 -22.45 8.88
N THR B 249 -12.57 -22.73 8.59
CA THR B 249 -13.12 -24.06 8.80
C THR B 249 -12.68 -24.98 7.67
N SER B 250 -12.96 -26.27 7.84
CA SER B 250 -12.56 -27.28 6.87
C SER B 250 -13.44 -28.49 7.02
N GLN B 251 -13.25 -29.47 6.13
CA GLN B 251 -14.00 -30.72 6.24
C GLN B 251 -13.70 -31.43 7.55
N GLY B 252 -12.50 -31.23 8.10
CA GLY B 252 -12.14 -31.78 9.38
C GLY B 252 -12.42 -30.88 10.57
N ASP B 253 -13.08 -29.74 10.35
CA ASP B 253 -13.45 -28.81 11.41
C ASP B 253 -14.49 -27.84 10.87
N PRO B 254 -15.71 -28.30 10.59
CA PRO B 254 -16.67 -27.50 9.81
C PRO B 254 -17.58 -26.58 10.62
N ILE B 255 -17.33 -26.38 11.91
CA ILE B 255 -18.14 -25.51 12.74
C ILE B 255 -17.38 -24.21 12.96
N GLY B 256 -18.05 -23.07 12.71
CA GLY B 256 -17.41 -21.78 12.82
C GLY B 256 -18.27 -20.80 13.60
N LEU B 257 -17.65 -19.69 13.97
CA LEU B 257 -18.30 -18.61 14.69
C LEU B 257 -18.12 -17.31 13.92
N ILE B 258 -19.18 -16.51 13.87
CA ILE B 258 -19.16 -15.25 13.13
C ILE B 258 -19.92 -14.21 13.95
N LEU B 259 -19.47 -12.96 13.89
CA LEU B 259 -20.06 -11.88 14.66
C LEU B 259 -20.89 -10.96 13.78
N LEU B 260 -21.92 -10.38 14.38
CA LEU B 260 -22.65 -9.24 13.83
C LEU B 260 -22.43 -8.06 14.76
N GLY B 261 -21.85 -6.99 14.22
CA GLY B 261 -21.51 -5.82 15.02
C GLY B 261 -22.10 -4.56 14.44
N GLU B 262 -22.61 -3.70 15.31
CA GLU B 262 -22.99 -2.35 14.92
C GLU B 262 -21.74 -1.49 14.82
N VAL B 263 -21.43 -1.02 13.62
CA VAL B 263 -20.21 -0.25 13.36
C VAL B 263 -20.61 1.16 12.94
N ALA B 264 -20.05 2.15 13.61
CA ALA B 264 -20.29 3.56 13.29
C ALA B 264 -19.28 3.99 12.22
N LEU B 265 -19.71 3.99 10.96
CA LEU B 265 -18.81 4.27 9.85
C LEU B 265 -18.67 5.76 9.57
N GLY B 266 -19.74 6.53 9.72
CA GLY B 266 -19.67 7.97 9.51
C GLY B 266 -19.23 8.32 8.11
N ASN B 267 -18.37 9.33 8.01
CA ASN B 267 -17.78 9.73 6.73
C ASN B 267 -16.74 8.70 6.32
N MET B 268 -17.00 7.98 5.24
CA MET B 268 -16.12 6.89 4.81
C MET B 268 -15.07 7.40 3.84
N TYR B 269 -13.82 6.99 4.08
CA TYR B 269 -12.71 7.21 3.15
C TYR B 269 -12.67 6.02 2.20
N GLU B 270 -13.09 6.24 0.96
CA GLU B 270 -13.33 5.15 0.01
C GLU B 270 -12.06 4.89 -0.79
N LEU B 271 -11.60 3.63 -0.76
CA LEU B 271 -10.35 3.25 -1.39
C LEU B 271 -10.54 2.01 -2.24
N LYS B 272 -9.80 1.93 -3.34
CA LYS B 272 -9.85 0.79 -4.25
C LYS B 272 -8.69 -0.19 -4.05
N HIS B 273 -7.58 0.26 -3.47
CA HIS B 273 -6.37 -0.54 -3.40
C HIS B 273 -5.74 -0.36 -2.03
N ALA B 274 -4.73 -1.19 -1.75
CA ALA B 274 -4.11 -1.22 -0.43
C ALA B 274 -3.55 0.15 -0.06
N SER B 275 -3.83 0.57 1.18
CA SER B 275 -3.29 1.82 1.71
C SER B 275 -3.00 1.58 3.19
N HIS B 276 -1.74 1.30 3.51
CA HIS B 276 -1.33 0.96 4.87
C HIS B 276 -1.19 2.24 5.70
N ILE B 277 -2.34 2.85 5.95
CA ILE B 277 -2.36 4.10 6.70
C ILE B 277 -2.25 3.84 8.19
N SER B 278 -1.76 4.84 8.92
CA SER B 278 -1.75 4.83 10.37
C SER B 278 -2.82 5.73 10.98
N LYS B 279 -3.17 6.81 10.29
CA LYS B 279 -4.24 7.71 10.73
C LYS B 279 -5.16 7.99 9.56
N LEU B 280 -6.44 8.21 9.87
CA LEU B 280 -7.38 8.64 8.86
C LEU B 280 -7.15 10.11 8.52
N PRO B 281 -7.43 10.50 7.28
CA PRO B 281 -7.40 11.94 6.96
C PRO B 281 -8.46 12.68 7.77
N LYS B 282 -8.15 13.92 8.11
CA LYS B 282 -9.04 14.71 8.97
C LYS B 282 -10.43 14.80 8.37
N GLY B 283 -11.43 14.43 9.18
CA GLY B 283 -12.82 14.47 8.76
C GLY B 283 -13.42 13.12 8.44
N LYS B 284 -12.61 12.07 8.37
CA LYS B 284 -13.08 10.72 8.06
C LYS B 284 -13.17 9.88 9.32
N HIS B 285 -14.22 9.07 9.41
CA HIS B 285 -14.41 8.17 10.54
C HIS B 285 -14.05 6.73 10.24
N SER B 286 -13.92 6.36 8.97
CA SER B 286 -13.69 4.97 8.61
C SER B 286 -13.18 4.90 7.18
N VAL B 287 -12.75 3.71 6.78
CA VAL B 287 -12.34 3.42 5.41
C VAL B 287 -13.31 2.39 4.85
N LYS B 288 -13.77 2.62 3.62
CA LYS B 288 -14.53 1.63 2.87
C LYS B 288 -13.68 1.12 1.73
N GLY B 289 -13.29 -0.15 1.79
CA GLY B 289 -12.70 -0.81 0.64
C GLY B 289 -13.79 -1.07 -0.39
N LEU B 290 -13.68 -0.46 -1.56
CA LEU B 290 -14.74 -0.50 -2.56
C LEU B 290 -14.71 -1.84 -3.28
N GLY B 291 -15.76 -2.64 -3.10
CA GLY B 291 -15.87 -3.90 -3.81
C GLY B 291 -16.56 -3.74 -5.15
N LYS B 292 -16.26 -4.68 -6.05
CA LYS B 292 -16.94 -4.71 -7.34
C LYS B 292 -18.41 -5.07 -7.17
N THR B 293 -18.73 -5.87 -6.15
CA THR B 293 -20.09 -6.27 -5.85
C THR B 293 -20.49 -5.73 -4.49
N THR B 294 -21.72 -5.24 -4.39
CA THR B 294 -22.26 -4.71 -3.15
C THR B 294 -23.67 -5.23 -2.96
N PRO B 295 -24.10 -5.40 -1.72
CA PRO B 295 -25.52 -5.70 -1.46
C PRO B 295 -26.41 -4.60 -2.02
N ASP B 296 -27.53 -5.00 -2.60
CA ASP B 296 -28.46 -4.09 -3.26
C ASP B 296 -28.89 -3.01 -2.27
N PRO B 297 -28.47 -1.76 -2.49
CA PRO B 297 -28.75 -0.71 -1.49
C PRO B 297 -30.23 -0.42 -1.31
N SER B 298 -31.08 -0.81 -2.26
CA SER B 298 -32.51 -0.58 -2.13
C SER B 298 -33.20 -1.60 -1.25
N ALA B 299 -32.53 -2.70 -0.89
CA ALA B 299 -33.08 -3.71 0.00
C ALA B 299 -32.63 -3.52 1.44
N ASN B 300 -31.97 -2.40 1.75
CA ASN B 300 -31.55 -2.13 3.12
C ASN B 300 -32.76 -2.01 4.03
N ILE B 301 -32.72 -2.71 5.16
CA ILE B 301 -33.72 -2.57 6.20
C ILE B 301 -33.01 -2.20 7.50
N SER B 302 -33.78 -1.99 8.56
CA SER B 302 -33.22 -1.59 9.85
C SER B 302 -33.62 -2.58 10.92
N LEU B 303 -32.71 -2.81 11.87
CA LEU B 303 -32.97 -3.62 13.05
C LEU B 303 -32.45 -2.85 14.25
N ASP B 304 -33.36 -2.49 15.16
CA ASP B 304 -33.03 -1.63 16.31
C ASP B 304 -32.45 -0.30 15.85
N GLY B 305 -32.93 0.20 14.71
CA GLY B 305 -32.48 1.46 14.17
C GLY B 305 -31.15 1.42 13.47
N VAL B 306 -30.57 0.25 13.26
CA VAL B 306 -29.28 0.10 12.58
C VAL B 306 -29.54 -0.52 11.22
N ASP B 307 -28.97 0.08 10.18
CA ASP B 307 -29.17 -0.40 8.83
C ASP B 307 -28.48 -1.76 8.63
N VAL B 308 -29.22 -2.70 8.05
CA VAL B 308 -28.71 -4.03 7.73
C VAL B 308 -28.64 -4.16 6.22
N PRO B 309 -27.45 -4.17 5.62
CA PRO B 309 -27.33 -4.27 4.15
C PRO B 309 -27.45 -5.71 3.66
N LEU B 310 -28.65 -6.27 3.80
CA LEU B 310 -28.90 -7.68 3.50
C LEU B 310 -29.43 -7.89 2.09
N GLY B 311 -29.26 -6.92 1.19
CA GLY B 311 -29.69 -7.10 -0.18
C GLY B 311 -28.79 -8.08 -0.93
N THR B 312 -29.35 -8.63 -2.00
CA THR B 312 -28.57 -9.55 -2.83
C THR B 312 -27.44 -8.80 -3.54
N GLY B 313 -26.38 -9.53 -3.87
CA GLY B 313 -25.19 -8.91 -4.42
C GLY B 313 -25.40 -8.46 -5.86
N ILE B 314 -25.10 -7.18 -6.11
CA ILE B 314 -25.18 -6.61 -7.45
C ILE B 314 -23.91 -5.81 -7.71
N SER B 315 -23.73 -5.44 -8.98
CA SER B 315 -22.58 -4.64 -9.37
C SER B 315 -22.60 -3.29 -8.67
N SER B 316 -21.43 -2.85 -8.19
CA SER B 316 -21.32 -1.56 -7.50
C SER B 316 -21.10 -0.40 -8.46
N GLY B 317 -20.73 -0.66 -9.70
CA GLY B 317 -20.35 0.38 -10.62
C GLY B 317 -18.93 0.90 -10.43
N VAL B 318 -18.16 0.31 -9.53
CA VAL B 318 -16.78 0.70 -9.28
C VAL B 318 -15.88 -0.09 -10.21
N ASN B 319 -14.96 0.61 -10.88
CA ASN B 319 -14.07 0.00 -11.85
C ASN B 319 -12.64 -0.06 -11.32
N ASP B 320 -11.91 -1.09 -11.75
CA ASP B 320 -10.48 -1.22 -11.49
C ASP B 320 -10.18 -1.22 -9.99
N THR B 321 -10.99 -1.93 -9.23
CA THR B 321 -10.76 -2.13 -7.80
C THR B 321 -10.14 -3.50 -7.56
N SER B 322 -9.36 -3.60 -6.49
CA SER B 322 -8.70 -4.84 -6.12
C SER B 322 -9.57 -5.74 -5.24
N LEU B 323 -10.77 -5.29 -4.89
CA LEU B 323 -11.67 -6.03 -4.01
C LEU B 323 -12.88 -6.50 -4.80
N LEU B 324 -13.20 -7.79 -4.65
CA LEU B 324 -14.45 -8.31 -5.22
C LEU B 324 -15.66 -7.84 -4.42
N TYR B 325 -15.49 -7.60 -3.13
CA TYR B 325 -16.60 -7.28 -2.23
C TYR B 325 -16.14 -6.21 -1.24
N ASN B 326 -17.11 -5.56 -0.60
CA ASN B 326 -16.83 -4.40 0.21
C ASN B 326 -16.02 -4.77 1.46
N GLU B 327 -15.39 -3.75 2.04
CA GLU B 327 -14.58 -3.89 3.24
C GLU B 327 -14.75 -2.61 4.05
N TYR B 328 -14.91 -2.76 5.36
CA TYR B 328 -15.11 -1.62 6.25
C TYR B 328 -14.12 -1.71 7.41
N ILE B 329 -13.41 -0.61 7.66
CA ILE B 329 -12.38 -0.55 8.68
C ILE B 329 -12.59 0.69 9.52
N VAL B 330 -12.69 0.52 10.84
CA VAL B 330 -12.63 1.61 11.80
C VAL B 330 -11.31 1.52 12.53
N TYR B 331 -10.82 2.67 13.00
CA TYR B 331 -9.52 2.76 13.63
C TYR B 331 -9.63 3.22 15.08
N ASP B 332 -10.82 3.11 15.66
CA ASP B 332 -11.09 3.41 17.05
C ASP B 332 -11.98 2.31 17.59
N ILE B 333 -11.54 1.64 18.64
CA ILE B 333 -12.27 0.47 19.15
C ILE B 333 -13.65 0.88 19.65
N ALA B 334 -13.82 2.15 20.03
CA ALA B 334 -15.10 2.61 20.56
C ALA B 334 -16.18 2.72 19.49
N GLN B 335 -15.82 2.57 18.22
CA GLN B 335 -16.78 2.64 17.12
C GLN B 335 -17.46 1.31 16.82
N VAL B 336 -17.21 0.29 17.63
CA VAL B 336 -17.78 -1.04 17.43
C VAL B 336 -18.62 -1.40 18.64
N ASN B 337 -19.83 -1.89 18.39
CA ASN B 337 -20.72 -2.38 19.44
C ASN B 337 -21.22 -3.76 18.99
N LEU B 338 -20.62 -4.80 19.55
CA LEU B 338 -20.96 -6.16 19.16
C LEU B 338 -22.38 -6.50 19.58
N LYS B 339 -23.15 -7.06 18.65
CA LYS B 339 -24.56 -7.35 18.88
C LYS B 339 -24.89 -8.83 18.88
N TYR B 340 -24.39 -9.60 17.91
CA TYR B 340 -24.80 -10.99 17.77
C TYR B 340 -23.58 -11.87 17.52
N LEU B 341 -23.74 -13.14 17.86
CA LEU B 341 -22.77 -14.19 17.54
C LEU B 341 -23.54 -15.36 16.95
N LEU B 342 -23.10 -15.84 15.80
CA LEU B 342 -23.74 -16.95 15.12
C LEU B 342 -22.82 -18.15 15.08
N LYS B 343 -23.39 -19.33 15.34
CA LYS B 343 -22.67 -20.59 15.20
C LYS B 343 -23.08 -21.23 13.89
N LEU B 344 -22.12 -21.37 12.97
CA LEU B 344 -22.39 -21.76 11.60
C LEU B 344 -21.86 -23.16 11.32
N LYS B 345 -22.60 -23.90 10.49
CA LYS B 345 -22.14 -25.18 9.95
C LYS B 345 -21.76 -24.96 8.49
N PHE B 346 -20.51 -25.22 8.17
CA PHE B 346 -20.04 -25.15 6.79
C PHE B 346 -20.28 -26.50 6.12
N ASN B 347 -21.09 -26.50 5.06
CA ASN B 347 -21.35 -27.71 4.28
C ASN B 347 -20.51 -27.63 3.02
N PHE B 348 -19.34 -28.27 3.04
CA PHE B 348 -18.40 -28.18 1.93
C PHE B 348 -18.84 -29.10 0.80
N LYS B 349 -19.15 -28.51 -0.36
CA LYS B 349 -19.52 -29.27 -1.54
C LYS B 349 -18.33 -29.83 -2.31
N THR B 350 -17.12 -29.69 -1.78
CA THR B 350 -15.94 -30.30 -2.39
C THR B 350 -15.07 -30.95 -1.32
C10 1WI C . 8.94 8.06 -9.45
C13 1WI C . 6.32 8.43 -10.25
C15 1WI C . 8.58 9.16 -10.22
C17 1WI C . 6.16 9.24 -13.38
C20 1WI C . 6.16 11.65 -13.53
C21 1WI C . 7.00 10.07 -16.97
C22 1WI C . 8.47 9.72 -17.31
C24 1WI C . 5.97 9.08 -17.53
C01 1WI C . 12.53 11.57 -8.35
C02 1WI C . 11.80 9.71 -9.82
C03 1WI C . 11.08 9.73 -7.51
C04 1WI C . 10.38 9.14 -6.46
C05 1WI C . 10.37 9.74 -5.21
C06 1WI C . 11.06 10.93 -4.97
C07 1WI C . 11.77 11.52 -6.00
C08 1WI C . 11.78 10.92 -7.27
C09 1WI C . 10.39 7.89 -9.04
C11 1WI C . 7.96 7.14 -9.09
C12 1WI C . 6.64 7.32 -9.49
C14 1WI C . 7.28 9.37 -10.64
C16 1WI C . 6.95 10.59 -11.46
C18 1WI C . 6.94 9.10 -14.66
C19 1WI C . 6.40 11.48 -15.04
C23 1WI C . 9.48 10.64 -16.64
C25 1WI C . 4.53 9.58 -17.39
F01 1WI C . 5.04 8.60 -10.63
N01 1WI C . 12.47 10.88 -9.54
N02 1WI C . 11.11 9.15 -8.78
N03 1WI C . 6.47 10.50 -12.72
N04 1WI C . 6.77 10.28 -15.52
O01 1WI C . 13.16 12.61 -8.24
O02 1WI C . 11.85 9.23 -10.95
O03 1WI C . 7.19 11.68 -10.96
O04 1WI C . 6.26 12.47 -15.76
S SO4 D . 13.92 6.17 0.43
O1 SO4 D . 15.27 6.01 -0.09
O2 SO4 D . 13.80 7.47 1.11
O3 SO4 D . 12.96 6.12 -0.68
O4 SO4 D . 13.62 5.11 1.37
S SO4 E . -11.78 -5.97 -13.62
O1 SO4 E . -11.37 -4.67 -13.08
O2 SO4 E . -12.53 -5.77 -14.87
O3 SO4 E . -10.60 -6.79 -13.89
O4 SO4 E . -12.63 -6.65 -12.65
C10 1WI F . -8.56 -8.94 9.10
C13 1WI F . -7.51 -6.88 10.62
C15 1WI F . -9.11 -8.62 10.34
C17 1WI F . -7.16 -7.88 13.68
C20 1WI F . -9.12 -7.15 14.91
C21 1WI F . -7.13 -9.74 16.96
C22 1WI F . -7.41 -11.24 16.79
C24 1WI F . -5.65 -9.40 17.21
C01 1WI F . -13.42 -10.54 8.65
C02 1WI F . -11.10 -11.08 9.37
C03 1WI F . -11.44 -9.51 7.55
C04 1WI F . -10.92 -8.65 6.57
C05 1WI F . -11.78 -7.96 5.73
C06 1WI F . -13.17 -8.10 5.83
C07 1WI F . -13.69 -8.95 6.79
C08 1WI F . -12.84 -9.65 7.64
C09 1WI F . -9.14 -10.08 8.30
C11 1WI F . -7.48 -8.20 8.63
C12 1WI F . -6.95 -7.16 9.39
C14 1WI F . -8.60 -7.59 11.12
C16 1WI F . -9.22 -7.28 12.45
C18 1WI F . -7.04 -9.12 14.54
C19 1WI F . -8.62 -8.00 16.08
C23 1WI F . -8.86 -11.53 16.39
C25 1WI F . -5.42 -7.94 17.62
F01 1WI F . -7.00 -5.86 11.34
N01 1WI F . -12.48 -11.19 9.43
N02 1WI F . -10.60 -10.23 8.41
N03 1WI F . -8.56 -7.44 13.61
N04 1WI F . -7.64 -8.90 15.86
O01 1WI F . -14.62 -10.74 8.81
O02 1WI F . -10.40 -11.72 10.13
O03 1WI F . -10.39 -6.90 12.45
O04 1WI F . -9.13 -7.81 17.18
S SO4 G . -12.34 -9.65 -1.58
O1 SO4 G . -11.75 -9.46 -2.90
O2 SO4 G . -11.34 -9.39 -0.55
O3 SO4 G . -13.46 -8.72 -1.41
O4 SO4 G . -12.82 -11.02 -1.45
S SO4 H . -22.42 -1.49 29.94
O1 SO4 H . -21.76 -0.94 28.76
O2 SO4 H . -22.12 -0.65 31.09
O3 SO4 H . -23.86 -1.51 29.71
O4 SO4 H . -21.95 -2.85 30.18
S SO4 I . -10.99 -6.92 31.95
O1 SO4 I . -10.83 -7.32 30.55
O2 SO4 I . -10.34 -5.62 32.16
O3 SO4 I . -12.41 -6.80 32.25
O4 SO4 I . -10.38 -7.91 32.83
#